data_7D1F
#
_entry.id   7D1F
#
_cell.length_a   58.474
_cell.length_b   127.338
_cell.length_c   147.759
_cell.angle_alpha   90.000
_cell.angle_beta   90.000
_cell.angle_gamma   90.000
#
_symmetry.space_group_name_H-M   'P 21 21 21'
#
loop_
_entity.id
_entity.type
_entity.pdbx_description
1 polymer 'Bifunctional cytochrome P450/NADPH--P450 reductase'
2 non-polymer 'PROTOPORPHYRIN IX CONTAINING FE'
3 non-polymer '(2S)-2-[[(2S)-1-heptylpyrrolidin-2-yl]carbonylamino]-3-phenyl-propanoic acid'
4 non-polymer METHYLAMINE
5 non-polymer GLYCEROL
6 water water
#
_entity_poly.entity_id   1
_entity_poly.type   'polypeptide(L)'
_entity_poly.pdbx_seq_one_letter_code
;MTIKEMPQPKTFGELKNLPLLNTDKPVQALMKIADELGEIFKFEAPGRVTRYLSSQRLIKEACDESRFDKNLSQALKFVR
DFAGDGLFTSWTHEKNWKKAHNILLPSFSQQAMKGYHAMMVDIAVQLVQKWERLNADEHIEVPEDMTRLTLDTIGLCGFN
YRFNSFYRDQPHPFITSMVRALDEAMNKLQRANPDDPAYDENKRQFQEDIKVMNDLVDKIIADRKASGEQSDDLLTHMLN
GKDPETGEPLDDENIRYQIITFLIAGHETTSGLLSFALYFLVKNPHVLQKAAEEAARVLVDPVPSYKQVKQLKYVGMVLN
EALRLWPTAPAFSLYAKEDTVLGGEYPLEKGDELMVLIPQLHRDKTIWGDDVEEFRPERFENPSAIPQHAFKPFGNGQRA
CIGQQFALHEATLVLGMMLKHFDFEDHTNYELDIKETLTLKPEGFVVKAKSKKIPL
;
_entity_poly.pdbx_strand_id   A,B
#
# COMPACT_ATOMS: atom_id res chain seq x y z
N ILE A 3 -12.65 -59.02 9.02
CA ILE A 3 -13.16 -58.27 7.82
C ILE A 3 -14.51 -57.63 8.19
N LYS A 4 -14.57 -56.30 8.11
CA LYS A 4 -15.67 -55.43 8.60
C LYS A 4 -16.26 -54.64 7.43
N GLU A 5 -17.54 -54.27 7.56
CA GLU A 5 -18.23 -53.26 6.71
C GLU A 5 -17.98 -51.87 7.33
N MET A 6 -17.66 -50.94 6.46
N MET A 6 -17.48 -50.92 6.56
CA MET A 6 -17.35 -49.52 6.75
CA MET A 6 -17.21 -49.57 7.14
C MET A 6 -18.63 -48.77 7.06
C MET A 6 -18.49 -48.75 7.07
N PRO A 7 -18.69 -47.84 8.03
CA PRO A 7 -19.83 -46.94 8.06
C PRO A 7 -19.81 -45.97 6.88
N GLN A 8 -20.96 -45.37 6.66
CA GLN A 8 -21.17 -44.39 5.57
C GLN A 8 -22.13 -43.33 6.08
N PRO A 9 -21.86 -42.05 5.85
CA PRO A 9 -22.78 -40.99 6.25
C PRO A 9 -24.06 -40.98 5.40
N LYS A 10 -24.96 -40.11 5.81
CA LYS A 10 -26.34 -40.05 5.26
C LYS A 10 -26.31 -39.80 3.75
N THR A 11 -27.24 -40.42 3.03
CA THR A 11 -27.34 -40.34 1.56
C THR A 11 -28.54 -39.50 1.12
N PHE A 12 -28.51 -39.13 -0.17
CA PHE A 12 -29.48 -38.25 -0.83
C PHE A 12 -29.94 -38.94 -2.12
N GLY A 13 -30.55 -40.12 -2.00
CA GLY A 13 -30.95 -40.93 -3.14
C GLY A 13 -29.81 -41.09 -4.14
N GLU A 14 -30.10 -40.78 -5.40
N GLU A 14 -30.03 -40.78 -5.42
CA GLU A 14 -29.18 -40.92 -6.58
CA GLU A 14 -29.03 -41.07 -6.49
C GLU A 14 -27.89 -40.14 -6.33
C GLU A 14 -27.88 -40.06 -6.43
N LEU A 15 -27.93 -39.03 -5.58
CA LEU A 15 -26.73 -38.15 -5.38
C LEU A 15 -25.81 -38.76 -4.30
N LYS A 16 -26.22 -39.85 -3.66
CA LYS A 16 -25.40 -40.59 -2.67
C LYS A 16 -24.96 -39.58 -1.60
N ASN A 17 -23.67 -39.45 -1.31
CA ASN A 17 -23.18 -38.54 -0.23
C ASN A 17 -22.84 -37.15 -0.78
N LEU A 18 -22.88 -36.93 -2.09
CA LEU A 18 -22.34 -35.69 -2.69
C LEU A 18 -22.90 -34.43 -2.02
N PRO A 19 -24.22 -34.29 -1.75
CA PRO A 19 -24.73 -33.07 -1.12
C PRO A 19 -24.10 -32.70 0.24
N LEU A 20 -23.44 -33.64 0.93
CA LEU A 20 -22.73 -33.33 2.20
C LEU A 20 -21.61 -32.31 1.94
N LEU A 21 -21.10 -32.24 0.70
CA LEU A 21 -20.04 -31.27 0.36
C LEU A 21 -20.61 -29.95 -0.14
N ASN A 22 -21.94 -29.80 -0.26
CA ASN A 22 -22.57 -28.53 -0.69
C ASN A 22 -22.63 -27.60 0.53
N THR A 23 -21.47 -27.05 0.86
CA THR A 23 -21.22 -26.16 2.02
C THR A 23 -19.96 -25.36 1.72
N ASP A 24 -19.83 -24.15 2.29
CA ASP A 24 -18.56 -23.40 2.14
C ASP A 24 -17.50 -24.01 3.09
N LYS A 25 -17.84 -25.01 3.92
CA LYS A 25 -16.86 -25.61 4.88
C LYS A 25 -16.87 -27.14 4.81
N PRO A 26 -16.56 -27.72 3.64
CA PRO A 26 -16.64 -29.17 3.46
C PRO A 26 -15.64 -29.96 4.32
N VAL A 27 -14.41 -29.46 4.53
CA VAL A 27 -13.43 -30.18 5.38
C VAL A 27 -13.97 -30.25 6.81
N GLN A 28 -14.49 -29.15 7.31
CA GLN A 28 -15.07 -29.13 8.68
C GLN A 28 -16.27 -30.07 8.75
N ALA A 29 -17.07 -30.17 7.68
CA ALA A 29 -18.21 -31.10 7.64
C ALA A 29 -17.69 -32.52 7.71
N LEU A 30 -16.63 -32.85 6.96
CA LEU A 30 -16.06 -34.21 6.99
C LEU A 30 -15.46 -34.51 8.38
N MET A 31 -14.86 -33.54 9.04
CA MET A 31 -14.35 -33.71 10.42
C MET A 31 -15.50 -34.11 11.36
N LYS A 32 -16.65 -33.47 11.26
CA LYS A 32 -17.84 -33.79 12.11
C LYS A 32 -18.32 -35.20 11.78
N ILE A 33 -18.29 -35.60 10.50
CA ILE A 33 -18.67 -36.99 10.11
C ILE A 33 -17.69 -38.00 10.72
N ALA A 34 -16.39 -37.73 10.64
CA ALA A 34 -15.34 -38.58 11.26
C ALA A 34 -15.55 -38.70 12.78
N ASP A 35 -15.93 -37.62 13.46
N ASP A 35 -15.94 -37.61 13.44
CA ASP A 35 -16.22 -37.69 14.92
CA ASP A 35 -16.26 -37.57 14.89
C ASP A 35 -17.38 -38.66 15.16
C ASP A 35 -17.41 -38.55 15.19
N GLU A 36 -18.38 -38.64 14.29
CA GLU A 36 -19.59 -39.49 14.44
C GLU A 36 -19.27 -40.94 14.08
N LEU A 37 -18.54 -41.18 12.98
CA LEU A 37 -18.47 -42.55 12.37
C LEU A 37 -17.13 -43.24 12.68
N GLY A 38 -16.10 -42.50 13.06
CA GLY A 38 -14.84 -43.10 13.53
C GLY A 38 -13.72 -43.05 12.50
N GLU A 39 -12.81 -44.00 12.61
CA GLU A 39 -11.48 -43.97 11.96
C GLU A 39 -11.60 -44.12 10.44
N ILE A 40 -12.68 -44.72 9.94
CA ILE A 40 -12.84 -44.91 8.47
C ILE A 40 -14.31 -44.78 8.12
N PHE A 41 -14.61 -44.09 7.03
CA PHE A 41 -15.97 -44.15 6.45
C PHE A 41 -15.88 -44.07 4.93
N LYS A 42 -16.87 -44.70 4.31
CA LYS A 42 -17.05 -44.71 2.85
C LYS A 42 -17.81 -43.43 2.48
N PHE A 43 -17.43 -42.83 1.37
CA PHE A 43 -18.11 -41.63 0.83
C PHE A 43 -18.34 -41.87 -0.66
N GLU A 44 -19.59 -41.85 -1.09
CA GLU A 44 -19.95 -42.13 -2.50
C GLU A 44 -20.52 -40.88 -3.16
N ALA A 45 -20.13 -40.63 -4.39
CA ALA A 45 -20.76 -39.63 -5.30
C ALA A 45 -21.16 -40.41 -6.54
N PRO A 46 -22.02 -39.85 -7.43
CA PRO A 46 -22.28 -40.51 -8.71
C PRO A 46 -20.95 -40.84 -9.41
N GLY A 47 -20.69 -42.12 -9.64
CA GLY A 47 -19.51 -42.59 -10.39
C GLY A 47 -18.21 -42.53 -9.60
N ARG A 48 -18.26 -42.35 -8.27
CA ARG A 48 -17.02 -42.25 -7.47
C ARG A 48 -17.21 -42.81 -6.07
N VAL A 49 -16.19 -43.50 -5.54
N VAL A 49 -16.17 -43.49 -5.56
CA VAL A 49 -16.12 -43.89 -4.10
CA VAL A 49 -16.05 -43.95 -4.15
C VAL A 49 -14.73 -43.59 -3.57
C VAL A 49 -14.69 -43.52 -3.61
N THR A 50 -14.66 -43.02 -2.38
CA THR A 50 -13.41 -42.89 -1.60
C THR A 50 -13.71 -43.29 -0.16
N ARG A 51 -12.66 -43.44 0.60
CA ARG A 51 -12.73 -43.79 2.03
C ARG A 51 -11.90 -42.77 2.80
N TYR A 52 -12.52 -42.13 3.77
CA TYR A 52 -11.89 -41.10 4.64
C TYR A 52 -11.28 -41.79 5.86
N LEU A 53 -9.96 -41.65 6.04
CA LEU A 53 -9.17 -42.21 7.16
C LEU A 53 -8.87 -41.10 8.19
N SER A 54 -9.01 -41.44 9.47
CA SER A 54 -8.85 -40.47 10.58
C SER A 54 -7.91 -40.98 11.67
N SER A 55 -7.58 -42.28 11.71
CA SER A 55 -6.76 -42.86 12.79
C SER A 55 -5.30 -43.03 12.33
N GLN A 56 -4.37 -42.86 13.26
CA GLN A 56 -2.95 -43.16 13.02
C GLN A 56 -2.81 -44.64 12.64
N ARG A 57 -3.64 -45.52 13.22
CA ARG A 57 -3.56 -46.98 12.99
C ARG A 57 -3.72 -47.26 11.50
N LEU A 58 -4.71 -46.62 10.84
CA LEU A 58 -4.95 -46.87 9.40
C LEU A 58 -4.06 -45.97 8.55
N ILE A 59 -3.81 -44.75 8.96
CA ILE A 59 -3.01 -43.81 8.13
C ILE A 59 -1.55 -44.26 8.05
N LYS A 60 -1.01 -44.90 9.08
CA LYS A 60 0.38 -45.44 9.01
C LYS A 60 0.46 -46.46 7.87
N GLU A 61 -0.58 -47.27 7.63
CA GLU A 61 -0.57 -48.25 6.52
C GLU A 61 -0.74 -47.53 5.18
N ALA A 62 -1.61 -46.51 5.11
CA ALA A 62 -1.84 -45.72 3.88
C ALA A 62 -0.54 -45.06 3.43
N CYS A 63 0.34 -44.74 4.39
CA CYS A 63 1.62 -44.03 4.17
C CYS A 63 2.72 -45.02 3.78
N ASP A 64 2.41 -46.31 3.66
CA ASP A 64 3.36 -47.30 3.13
C ASP A 64 3.44 -47.16 1.61
N GLU A 65 4.54 -46.58 1.10
CA GLU A 65 4.69 -46.24 -0.34
C GLU A 65 4.80 -47.50 -1.21
N SER A 66 5.07 -48.67 -0.61
CA SER A 66 5.06 -49.96 -1.33
C SER A 66 3.62 -50.37 -1.65
N ARG A 67 2.64 -49.87 -0.90
CA ARG A 67 1.21 -50.29 -1.01
C ARG A 67 0.34 -49.20 -1.63
N PHE A 68 0.66 -47.92 -1.39
CA PHE A 68 -0.17 -46.78 -1.85
C PHE A 68 0.71 -45.68 -2.43
N ASP A 69 0.18 -45.03 -3.46
CA ASP A 69 0.85 -43.87 -4.12
C ASP A 69 -0.11 -42.70 -4.08
N LYS A 70 0.43 -41.52 -4.29
CA LYS A 70 -0.39 -40.28 -4.35
C LYS A 70 -1.44 -40.41 -5.47
N ASN A 71 -2.68 -40.07 -5.11
CA ASN A 71 -3.81 -39.89 -6.03
C ASN A 71 -4.07 -38.40 -6.20
N LEU A 72 -4.50 -37.99 -7.40
CA LEU A 72 -5.05 -36.64 -7.59
C LEU A 72 -6.52 -36.72 -7.19
N SER A 73 -6.85 -36.08 -6.07
CA SER A 73 -8.23 -35.82 -5.63
C SER A 73 -8.94 -35.03 -6.73
N GLN A 74 -10.26 -34.96 -6.69
CA GLN A 74 -10.98 -34.13 -7.67
C GLN A 74 -10.47 -32.69 -7.54
N ALA A 75 -10.21 -32.21 -6.32
CA ALA A 75 -9.71 -30.83 -6.12
C ALA A 75 -8.42 -30.63 -6.91
N LEU A 76 -7.49 -31.58 -6.79
N LEU A 76 -7.49 -31.57 -6.80
CA LEU A 76 -6.18 -31.46 -7.47
CA LEU A 76 -6.18 -31.41 -7.49
C LEU A 76 -6.37 -31.58 -9.00
C LEU A 76 -6.37 -31.58 -9.00
N LYS A 77 -7.30 -32.43 -9.47
CA LYS A 77 -7.57 -32.55 -10.93
C LYS A 77 -8.08 -31.21 -11.48
N PHE A 78 -8.89 -30.48 -10.73
CA PHE A 78 -9.39 -29.16 -11.17
C PHE A 78 -8.28 -28.11 -11.07
N VAL A 79 -7.43 -28.18 -10.04
CA VAL A 79 -6.29 -27.25 -9.94
C VAL A 79 -5.30 -27.54 -11.09
N ARG A 80 -5.18 -28.80 -11.52
CA ARG A 80 -4.28 -29.19 -12.65
C ARG A 80 -4.63 -28.39 -13.92
N ASP A 81 -5.85 -27.90 -14.07
CA ASP A 81 -6.20 -27.13 -15.28
C ASP A 81 -5.33 -25.87 -15.37
N PHE A 82 -4.79 -25.36 -14.25
CA PHE A 82 -3.83 -24.21 -14.33
C PHE A 82 -2.45 -24.56 -13.75
N ALA A 83 -2.31 -25.56 -12.88
CA ALA A 83 -0.99 -25.94 -12.33
C ALA A 83 -0.34 -27.06 -13.15
N GLY A 84 -1.06 -27.60 -14.13
CA GLY A 84 -0.54 -28.55 -15.11
C GLY A 84 0.22 -29.72 -14.48
N ASP A 85 1.34 -30.10 -15.06
CA ASP A 85 2.17 -31.21 -14.52
C ASP A 85 3.31 -30.58 -13.68
N GLY A 86 3.04 -29.51 -12.94
CA GLY A 86 3.92 -29.09 -11.84
C GLY A 86 3.95 -30.16 -10.77
N LEU A 87 4.82 -30.00 -9.78
CA LEU A 87 5.07 -31.11 -8.82
C LEU A 87 3.80 -31.49 -8.05
N PHE A 88 2.96 -30.52 -7.70
CA PHE A 88 1.80 -30.75 -6.80
C PHE A 88 0.67 -31.49 -7.51
N THR A 89 0.52 -31.32 -8.83
CA THR A 89 -0.65 -31.86 -9.56
C THR A 89 -0.19 -32.89 -10.61
N SER A 90 1.03 -33.41 -10.51
N SER A 90 1.02 -33.42 -10.44
CA SER A 90 1.50 -34.51 -11.38
CA SER A 90 1.60 -34.51 -11.25
C SER A 90 1.40 -35.86 -10.65
C SER A 90 1.34 -35.87 -10.59
N TRP A 91 1.17 -36.89 -11.43
CA TRP A 91 1.21 -38.29 -10.96
C TRP A 91 2.67 -38.69 -10.83
N THR A 92 2.96 -39.58 -9.89
CA THR A 92 4.33 -40.03 -9.59
C THR A 92 4.96 -40.64 -10.85
N HIS A 93 4.13 -41.25 -11.69
CA HIS A 93 4.59 -42.00 -12.89
C HIS A 93 4.78 -41.10 -14.12
N GLU A 94 4.42 -39.83 -14.05
CA GLU A 94 4.64 -38.87 -15.17
C GLU A 94 6.13 -38.50 -15.19
N LYS A 95 6.75 -38.55 -16.35
CA LYS A 95 8.19 -38.23 -16.48
C LYS A 95 8.50 -36.90 -15.79
N ASN A 96 7.64 -35.89 -15.92
CA ASN A 96 7.98 -34.55 -15.37
C ASN A 96 7.92 -34.51 -13.84
N TRP A 97 7.27 -35.46 -13.16
CA TRP A 97 7.29 -35.47 -11.68
C TRP A 97 8.74 -35.75 -11.21
N LYS A 98 9.30 -36.90 -11.60
CA LYS A 98 10.63 -37.29 -11.02
C LYS A 98 11.66 -36.28 -11.53
N LYS A 99 11.53 -35.85 -12.77
CA LYS A 99 12.51 -34.92 -13.36
C LYS A 99 12.54 -33.61 -12.56
N ALA A 100 11.38 -33.01 -12.34
CA ALA A 100 11.32 -31.73 -11.59
C ALA A 100 11.72 -31.98 -10.14
N HIS A 101 11.33 -33.11 -9.56
CA HIS A 101 11.70 -33.45 -8.16
C HIS A 101 13.21 -33.46 -8.05
N ASN A 102 13.89 -34.17 -8.95
CA ASN A 102 15.36 -34.29 -8.85
C ASN A 102 16.00 -32.90 -9.02
N ILE A 103 15.51 -32.09 -9.93
CA ILE A 103 16.10 -30.76 -10.22
C ILE A 103 15.86 -29.83 -9.02
N LEU A 104 14.66 -29.87 -8.44
CA LEU A 104 14.27 -28.84 -7.46
C LEU A 104 14.64 -29.22 -6.03
N LEU A 105 14.83 -30.51 -5.72
N LEU A 105 14.84 -30.51 -5.70
CA LEU A 105 15.10 -30.92 -4.32
CA LEU A 105 15.07 -30.90 -4.29
C LEU A 105 16.23 -30.08 -3.71
C LEU A 105 16.24 -30.09 -3.69
N PRO A 106 17.40 -29.95 -4.36
CA PRO A 106 18.51 -29.18 -3.78
C PRO A 106 18.17 -27.71 -3.50
N SER A 107 17.29 -27.14 -4.30
N SER A 107 17.29 -27.13 -4.30
CA SER A 107 16.83 -25.73 -4.19
CA SER A 107 16.88 -25.71 -4.17
C SER A 107 15.93 -25.54 -2.98
C SER A 107 15.88 -25.54 -3.03
N PHE A 108 15.43 -26.63 -2.39
CA PHE A 108 14.43 -26.55 -1.28
C PHE A 108 14.98 -27.14 0.01
N SER A 109 16.27 -27.46 0.00
CA SER A 109 16.93 -28.15 1.15
C SER A 109 17.09 -27.15 2.29
N GLN A 110 17.34 -27.65 3.50
CA GLN A 110 17.64 -26.75 4.63
C GLN A 110 18.86 -25.87 4.29
N GLN A 111 19.88 -26.43 3.65
N GLN A 111 19.87 -26.43 3.64
CA GLN A 111 21.09 -25.68 3.23
CA GLN A 111 21.09 -25.68 3.24
C GLN A 111 20.69 -24.52 2.32
C GLN A 111 20.70 -24.52 2.30
N ALA A 112 19.75 -24.75 1.39
CA ALA A 112 19.33 -23.73 0.40
C ALA A 112 18.68 -22.53 1.11
N MET A 113 18.11 -22.74 2.30
CA MET A 113 17.42 -21.66 3.03
C MET A 113 18.41 -20.54 3.37
N LYS A 114 19.70 -20.84 3.54
CA LYS A 114 20.70 -19.78 3.81
C LYS A 114 20.64 -18.75 2.67
N GLY A 115 20.44 -19.21 1.43
CA GLY A 115 20.42 -18.35 0.24
C GLY A 115 19.16 -17.50 0.13
N TYR A 116 18.03 -17.99 0.65
CA TYR A 116 16.72 -17.31 0.56
C TYR A 116 16.52 -16.34 1.73
N HIS A 117 17.30 -16.52 2.79
CA HIS A 117 17.07 -15.83 4.07
C HIS A 117 16.98 -14.31 3.84
N ALA A 118 17.90 -13.71 3.08
CA ALA A 118 17.95 -12.25 2.97
C ALA A 118 16.66 -11.73 2.32
N MET A 119 16.14 -12.45 1.33
CA MET A 119 14.88 -12.07 0.64
C MET A 119 13.70 -12.26 1.59
N MET A 120 13.71 -13.30 2.42
CA MET A 120 12.62 -13.48 3.42
C MET A 120 12.64 -12.31 4.40
N VAL A 121 13.82 -11.90 4.85
CA VAL A 121 13.99 -10.78 5.82
C VAL A 121 13.43 -9.50 5.18
N ASP A 122 13.69 -9.29 3.90
CA ASP A 122 13.21 -8.08 3.20
C ASP A 122 11.69 -7.96 3.41
N ILE A 123 10.95 -9.02 3.14
CA ILE A 123 9.47 -8.97 3.23
C ILE A 123 9.07 -8.93 4.70
N ALA A 124 9.73 -9.68 5.58
CA ALA A 124 9.38 -9.67 7.01
C ALA A 124 9.54 -8.26 7.60
N VAL A 125 10.59 -7.56 7.22
CA VAL A 125 10.83 -6.18 7.71
C VAL A 125 9.70 -5.29 7.18
N GLN A 126 9.23 -5.48 5.94
CA GLN A 126 8.08 -4.68 5.43
C GLN A 126 6.86 -4.90 6.32
N LEU A 127 6.60 -6.14 6.74
N LEU A 127 6.60 -6.14 6.74
CA LEU A 127 5.44 -6.41 7.63
CA LEU A 127 5.45 -6.45 7.64
C LEU A 127 5.65 -5.68 8.97
C LEU A 127 5.65 -5.71 8.97
N VAL A 128 6.84 -5.83 9.56
CA VAL A 128 7.07 -5.20 10.89
C VAL A 128 6.90 -3.69 10.76
N GLN A 129 7.44 -3.08 9.71
N GLN A 129 7.45 -3.07 9.71
CA GLN A 129 7.33 -1.61 9.53
CA GLN A 129 7.34 -1.60 9.53
C GLN A 129 5.87 -1.23 9.36
C GLN A 129 5.86 -1.23 9.37
N LYS A 130 5.08 -2.01 8.62
CA LYS A 130 3.64 -1.70 8.43
C LYS A 130 2.98 -1.60 9.81
N TRP A 131 3.23 -2.59 10.67
CA TRP A 131 2.57 -2.63 11.99
C TRP A 131 3.12 -1.53 12.91
N GLU A 132 4.40 -1.19 12.80
CA GLU A 132 4.99 -0.08 13.59
C GLU A 132 4.28 1.23 13.23
N ARG A 133 3.81 1.34 11.99
CA ARG A 133 3.28 2.62 11.45
C ARG A 133 1.77 2.72 11.64
N LEU A 134 1.10 1.73 12.27
CA LEU A 134 -0.34 1.85 12.57
C LEU A 134 -0.53 2.91 13.68
N ASN A 135 -1.66 3.60 13.61
CA ASN A 135 -2.07 4.59 14.62
C ASN A 135 -2.71 3.85 15.80
N ALA A 136 -2.77 4.52 16.94
CA ALA A 136 -3.31 3.97 18.21
C ALA A 136 -4.66 3.27 17.99
N ASP A 137 -5.56 3.86 17.21
CA ASP A 137 -6.97 3.37 17.15
C ASP A 137 -7.10 2.19 16.15
N GLU A 138 -6.00 1.69 15.59
CA GLU A 138 -6.08 0.81 14.40
C GLU A 138 -5.86 -0.64 14.82
N HIS A 139 -6.33 -1.55 13.97
CA HIS A 139 -6.13 -2.99 14.16
C HIS A 139 -5.43 -3.60 12.95
N ILE A 140 -5.02 -4.85 13.13
CA ILE A 140 -4.39 -5.68 12.09
C ILE A 140 -5.43 -6.69 11.59
N GLU A 141 -5.54 -6.80 10.27
CA GLU A 141 -6.30 -7.86 9.58
C GLU A 141 -5.31 -9.01 9.37
N VAL A 142 -5.36 -10.04 10.20
CA VAL A 142 -4.23 -10.98 10.32
C VAL A 142 -4.06 -11.81 9.04
N PRO A 143 -5.05 -12.60 8.59
CA PRO A 143 -4.85 -13.43 7.39
C PRO A 143 -4.51 -12.56 6.17
N GLU A 144 -5.09 -11.36 6.11
CA GLU A 144 -4.82 -10.44 4.98
C GLU A 144 -3.33 -10.08 4.97
N ASP A 145 -2.77 -9.66 6.10
CA ASP A 145 -1.35 -9.26 6.15
C ASP A 145 -0.42 -10.48 6.02
N MET A 146 -0.81 -11.64 6.56
CA MET A 146 0.06 -12.82 6.43
C MET A 146 0.10 -13.26 4.95
N THR A 147 -1.00 -13.11 4.23
CA THR A 147 -1.08 -13.46 2.80
C THR A 147 -0.27 -12.46 1.98
N ARG A 148 -0.30 -11.17 2.33
CA ARG A 148 0.58 -10.19 1.67
C ARG A 148 2.03 -10.66 1.83
N LEU A 149 2.42 -11.02 3.06
CA LEU A 149 3.81 -11.43 3.33
C LEU A 149 4.15 -12.70 2.53
N THR A 150 3.38 -13.77 2.64
CA THR A 150 3.83 -15.08 2.10
C THR A 150 3.82 -15.05 0.57
N LEU A 151 2.86 -14.35 -0.03
CA LEU A 151 2.86 -14.20 -1.50
C LEU A 151 4.13 -13.44 -1.88
N ASP A 152 4.42 -12.33 -1.21
CA ASP A 152 5.60 -11.51 -1.59
C ASP A 152 6.89 -12.32 -1.40
N THR A 153 6.98 -13.15 -0.38
CA THR A 153 8.22 -13.92 -0.13
C THR A 153 8.42 -14.88 -1.28
N ILE A 154 7.39 -15.63 -1.68
CA ILE A 154 7.60 -16.63 -2.76
C ILE A 154 7.80 -15.92 -4.10
N GLY A 155 7.20 -14.75 -4.30
CA GLY A 155 7.49 -14.01 -5.55
C GLY A 155 8.97 -13.64 -5.65
N LEU A 156 9.55 -13.17 -4.56
CA LEU A 156 10.93 -12.66 -4.56
C LEU A 156 11.89 -13.86 -4.63
N CYS A 157 11.66 -14.90 -3.82
CA CYS A 157 12.52 -16.11 -3.81
C CYS A 157 12.27 -16.99 -5.04
N GLY A 158 11.06 -16.97 -5.58
CA GLY A 158 10.69 -17.82 -6.72
C GLY A 158 11.26 -17.29 -8.03
N PHE A 159 11.14 -15.99 -8.28
CA PHE A 159 11.56 -15.44 -9.59
C PHE A 159 11.88 -13.96 -9.49
N ASN A 160 12.33 -13.50 -8.33
CA ASN A 160 12.87 -12.13 -8.19
C ASN A 160 11.84 -11.11 -8.66
N TYR A 161 10.57 -11.35 -8.40
CA TYR A 161 9.44 -10.45 -8.74
C TYR A 161 8.85 -9.90 -7.44
N ARG A 162 8.63 -8.60 -7.40
CA ARG A 162 7.99 -7.91 -6.28
C ARG A 162 6.51 -7.72 -6.58
N PHE A 163 5.64 -8.44 -5.86
CA PHE A 163 4.19 -8.21 -5.93
C PHE A 163 3.86 -6.92 -5.19
N ASN A 164 4.74 -6.46 -4.30
CA ASN A 164 4.54 -5.19 -3.57
C ASN A 164 3.14 -5.18 -2.93
N SER A 165 2.79 -6.28 -2.27
CA SER A 165 1.44 -6.43 -1.67
C SER A 165 1.22 -5.43 -0.51
N PHE A 166 2.27 -4.95 0.15
CA PHE A 166 2.13 -3.96 1.25
C PHE A 166 1.93 -2.56 0.68
N TYR A 167 1.99 -2.38 -0.64
CA TYR A 167 1.77 -1.07 -1.32
C TYR A 167 0.35 -0.99 -1.89
N ARG A 168 -0.51 -1.98 -1.63
CA ARG A 168 -1.82 -2.21 -2.32
C ARG A 168 -2.94 -2.52 -1.34
N ASP A 169 -4.16 -2.08 -1.68
CA ASP A 169 -5.44 -2.56 -1.12
C ASP A 169 -5.89 -3.75 -1.98
N GLN A 170 -5.90 -3.57 -3.30
CA GLN A 170 -6.43 -4.53 -4.30
C GLN A 170 -5.28 -5.37 -4.85
N PRO A 171 -5.42 -6.71 -4.92
CA PRO A 171 -4.31 -7.56 -5.32
C PRO A 171 -3.79 -7.21 -6.72
N HIS A 172 -2.53 -7.56 -6.95
CA HIS A 172 -1.93 -7.68 -8.30
C HIS A 172 -2.89 -8.47 -9.20
N PRO A 173 -3.08 -8.09 -10.49
CA PRO A 173 -3.99 -8.79 -11.40
C PRO A 173 -3.76 -10.31 -11.53
N PHE A 174 -2.51 -10.77 -11.54
CA PHE A 174 -2.15 -12.21 -11.52
C PHE A 174 -2.87 -12.87 -10.34
N ILE A 175 -2.85 -12.22 -9.17
CA ILE A 175 -3.41 -12.79 -7.91
C ILE A 175 -4.94 -12.80 -8.02
N THR A 176 -5.53 -11.77 -8.62
CA THR A 176 -7.00 -11.76 -8.87
C THR A 176 -7.38 -13.05 -9.61
N SER A 177 -6.67 -13.35 -10.70
CA SER A 177 -6.98 -14.50 -11.58
C SER A 177 -6.69 -15.80 -10.83
N MET A 178 -5.59 -15.85 -10.06
CA MET A 178 -5.19 -17.08 -9.36
C MET A 178 -6.22 -17.41 -8.28
N VAL A 179 -6.63 -16.40 -7.49
CA VAL A 179 -7.66 -16.63 -6.42
C VAL A 179 -8.97 -17.06 -7.07
N ARG A 180 -9.37 -16.43 -8.17
CA ARG A 180 -10.67 -16.74 -8.84
C ARG A 180 -10.60 -18.14 -9.46
N ALA A 181 -9.45 -18.53 -10.03
CA ALA A 181 -9.23 -19.89 -10.56
C ALA A 181 -9.31 -20.93 -9.44
N LEU A 182 -8.68 -20.67 -8.28
CA LEU A 182 -8.73 -21.59 -7.13
C LEU A 182 -10.18 -21.69 -6.64
N ASP A 183 -10.91 -20.57 -6.63
CA ASP A 183 -12.33 -20.54 -6.19
C ASP A 183 -13.16 -21.44 -7.12
N GLU A 184 -12.98 -21.29 -8.43
CA GLU A 184 -13.72 -22.09 -9.44
C GLU A 184 -13.36 -23.57 -9.30
N ALA A 185 -12.07 -23.91 -9.13
CA ALA A 185 -11.63 -25.32 -8.97
C ALA A 185 -12.35 -25.95 -7.78
N MET A 186 -12.38 -25.25 -6.64
CA MET A 186 -12.94 -25.82 -5.39
C MET A 186 -14.48 -25.82 -5.46
N ASN A 187 -15.09 -24.84 -6.11
CA ASN A 187 -16.58 -24.77 -6.23
C ASN A 187 -17.05 -25.91 -7.14
N LYS A 188 -16.28 -26.24 -8.18
CA LYS A 188 -16.70 -27.23 -9.19
C LYS A 188 -16.94 -28.60 -8.56
N LEU A 189 -16.23 -28.92 -7.47
CA LEU A 189 -16.30 -30.21 -6.72
C LEU A 189 -17.73 -30.54 -6.32
N GLN A 190 -18.46 -29.52 -5.92
CA GLN A 190 -19.74 -29.69 -5.20
C GLN A 190 -20.88 -29.91 -6.19
N ARG A 191 -20.70 -29.48 -7.44
CA ARG A 191 -21.79 -29.43 -8.43
C ARG A 191 -22.26 -30.86 -8.73
N ALA A 192 -23.49 -31.18 -8.31
CA ALA A 192 -24.26 -32.37 -8.74
C ALA A 192 -24.49 -32.28 -10.26
N ASN A 193 -24.65 -31.05 -10.78
CA ASN A 193 -25.05 -30.81 -12.19
C ASN A 193 -24.10 -29.81 -12.85
N PRO A 194 -22.85 -30.21 -13.17
CA PRO A 194 -21.84 -29.27 -13.68
C PRO A 194 -21.98 -28.76 -15.13
N ASP A 195 -22.90 -29.33 -15.90
CA ASP A 195 -23.07 -29.01 -17.35
C ASP A 195 -24.17 -27.95 -17.55
N ASP A 196 -24.94 -27.64 -16.49
CA ASP A 196 -25.97 -26.57 -16.47
C ASP A 196 -25.39 -25.35 -17.19
N PRO A 197 -26.10 -24.72 -18.15
CA PRO A 197 -25.64 -23.47 -18.77
C PRO A 197 -25.45 -22.30 -17.78
N ALA A 198 -26.01 -22.42 -16.56
CA ALA A 198 -25.83 -21.47 -15.43
C ALA A 198 -24.33 -21.31 -15.11
N TYR A 199 -23.56 -22.39 -15.29
CA TYR A 199 -22.12 -22.47 -14.98
C TYR A 199 -21.30 -22.03 -16.21
N ASP A 200 -21.95 -21.60 -17.30
CA ASP A 200 -21.27 -21.15 -18.55
C ASP A 200 -20.34 -19.96 -18.26
N GLU A 201 -20.81 -18.96 -17.50
CA GLU A 201 -20.05 -17.72 -17.21
C GLU A 201 -18.78 -18.10 -16.43
N ASN A 202 -18.95 -18.95 -15.41
CA ASN A 202 -17.86 -19.53 -14.59
C ASN A 202 -16.79 -20.11 -15.52
N LYS A 203 -17.18 -20.92 -16.50
CA LYS A 203 -16.25 -21.61 -17.44
C LYS A 203 -15.53 -20.56 -18.29
N ARG A 204 -16.22 -19.50 -18.74
CA ARG A 204 -15.61 -18.44 -19.59
C ARG A 204 -14.55 -17.69 -18.77
N GLN A 205 -14.89 -17.35 -17.51
CA GLN A 205 -14.02 -16.59 -16.58
C GLN A 205 -12.78 -17.42 -16.25
N PHE A 206 -12.95 -18.71 -15.98
CA PHE A 206 -11.86 -19.66 -15.65
C PHE A 206 -10.83 -19.67 -16.79
N GLN A 207 -11.28 -19.75 -18.04
CA GLN A 207 -10.40 -19.76 -19.24
C GLN A 207 -9.66 -18.43 -19.34
N GLU A 208 -10.31 -17.30 -19.05
CA GLU A 208 -9.66 -15.95 -19.09
C GLU A 208 -8.60 -15.90 -17.98
N ASP A 209 -8.89 -16.46 -16.81
CA ASP A 209 -7.96 -16.44 -15.64
C ASP A 209 -6.73 -17.33 -15.90
N ILE A 210 -6.91 -18.50 -16.51
CA ILE A 210 -5.78 -19.37 -16.93
C ILE A 210 -4.90 -18.59 -17.93
N LYS A 211 -5.52 -17.94 -18.93
CA LYS A 211 -4.76 -17.13 -19.93
C LYS A 211 -3.91 -16.07 -19.22
N VAL A 212 -4.48 -15.35 -18.23
CA VAL A 212 -3.79 -14.26 -17.49
C VAL A 212 -2.57 -14.83 -16.74
N MET A 213 -2.75 -15.96 -16.05
CA MET A 213 -1.65 -16.54 -15.23
C MET A 213 -0.53 -16.98 -16.18
N ASN A 214 -0.88 -17.66 -17.28
CA ASN A 214 0.11 -18.16 -18.27
C ASN A 214 0.83 -16.97 -18.90
N ASP A 215 0.12 -15.87 -19.20
CA ASP A 215 0.73 -14.72 -19.92
C ASP A 215 1.81 -14.06 -19.03
N LEU A 216 1.52 -13.79 -17.73
CA LEU A 216 2.50 -13.09 -16.86
C LEU A 216 3.71 -14.01 -16.65
N VAL A 217 3.45 -15.29 -16.34
CA VAL A 217 4.53 -16.22 -15.96
C VAL A 217 5.39 -16.50 -17.21
N ASP A 218 4.75 -16.72 -18.37
CA ASP A 218 5.50 -17.00 -19.63
C ASP A 218 6.34 -15.76 -19.93
N LYS A 219 5.81 -14.55 -19.69
CA LYS A 219 6.56 -13.29 -19.90
C LYS A 219 7.75 -13.21 -18.93
N ILE A 220 7.55 -13.55 -17.65
CA ILE A 220 8.66 -13.55 -16.65
C ILE A 220 9.78 -14.47 -17.16
N ILE A 221 9.44 -15.67 -17.60
CA ILE A 221 10.46 -16.66 -18.04
C ILE A 221 11.18 -16.10 -19.28
N ALA A 222 10.43 -15.63 -20.27
CA ALA A 222 11.01 -15.12 -21.53
C ALA A 222 11.94 -13.94 -21.22
N ASP A 223 11.50 -13.00 -20.38
CA ASP A 223 12.27 -11.80 -19.95
C ASP A 223 13.57 -12.21 -19.27
N ARG A 224 13.55 -13.22 -18.39
CA ARG A 224 14.78 -13.71 -17.72
C ARG A 224 15.72 -14.36 -18.73
N LYS A 225 15.23 -15.20 -19.63
CA LYS A 225 16.12 -15.85 -20.66
C LYS A 225 16.75 -14.77 -21.55
N ALA A 226 16.03 -13.69 -21.83
CA ALA A 226 16.50 -12.58 -22.70
C ALA A 226 17.62 -11.80 -22.00
N SER A 227 17.47 -11.53 -20.70
CA SER A 227 18.40 -10.67 -19.92
C SER A 227 19.69 -11.43 -19.59
N GLY A 228 19.61 -12.77 -19.49
CA GLY A 228 20.73 -13.64 -19.09
C GLY A 228 21.07 -13.52 -17.60
N GLU A 229 20.28 -12.76 -16.84
CA GLU A 229 20.60 -12.46 -15.43
C GLU A 229 20.58 -13.76 -14.61
N GLN A 230 21.55 -13.90 -13.70
CA GLN A 230 21.68 -15.03 -12.75
C GLN A 230 21.36 -14.46 -11.37
N SER A 231 20.18 -14.76 -10.83
CA SER A 231 19.76 -14.37 -9.46
C SER A 231 19.81 -15.59 -8.54
N ASP A 232 19.52 -15.39 -7.26
CA ASP A 232 19.50 -16.48 -6.24
C ASP A 232 18.06 -16.95 -6.07
N ASP A 233 17.35 -17.16 -7.18
CA ASP A 233 15.93 -17.54 -7.14
C ASP A 233 15.70 -18.93 -7.80
N LEU A 234 14.53 -19.48 -7.57
CA LEU A 234 14.17 -20.80 -8.11
C LEU A 234 14.17 -20.76 -9.63
N LEU A 235 13.82 -19.64 -10.25
CA LEU A 235 13.73 -19.58 -11.73
C LEU A 235 15.13 -19.80 -12.31
N THR A 236 16.16 -19.16 -11.77
CA THR A 236 17.56 -19.36 -12.23
C THR A 236 17.89 -20.85 -12.11
N HIS A 237 17.58 -21.46 -10.95
CA HIS A 237 17.85 -22.89 -10.69
C HIS A 237 17.16 -23.73 -11.78
N MET A 238 15.91 -23.41 -12.14
CA MET A 238 15.13 -24.20 -13.13
C MET A 238 15.62 -23.95 -14.57
N LEU A 239 16.10 -22.75 -14.90
CA LEU A 239 16.67 -22.52 -16.24
C LEU A 239 18.02 -23.24 -16.40
N ASN A 240 18.80 -23.40 -15.32
CA ASN A 240 20.18 -23.92 -15.41
C ASN A 240 20.24 -25.41 -15.07
N GLY A 241 19.25 -25.92 -14.37
CA GLY A 241 19.35 -27.24 -13.71
C GLY A 241 19.12 -28.37 -14.68
N LYS A 242 19.80 -29.48 -14.45
CA LYS A 242 19.65 -30.71 -15.27
C LYS A 242 19.34 -31.86 -14.33
N ASP A 243 18.33 -32.65 -14.69
CA ASP A 243 17.99 -33.88 -13.95
C ASP A 243 19.12 -34.87 -14.12
N PRO A 244 19.78 -35.37 -13.05
CA PRO A 244 20.82 -36.39 -13.19
C PRO A 244 20.40 -37.68 -13.91
N GLU A 245 19.12 -38.05 -13.77
N GLU A 245 19.13 -38.05 -13.78
CA GLU A 245 18.57 -39.30 -14.32
CA GLU A 245 18.59 -39.32 -14.32
C GLU A 245 18.45 -39.16 -15.84
C GLU A 245 18.45 -39.17 -15.85
N THR A 246 17.54 -38.31 -16.31
CA THR A 246 17.27 -38.12 -17.76
C THR A 246 18.41 -37.34 -18.41
N GLY A 247 19.11 -36.50 -17.63
CA GLY A 247 20.10 -35.52 -18.13
C GLY A 247 19.45 -34.26 -18.69
N GLU A 248 18.12 -34.18 -18.65
CA GLU A 248 17.36 -33.09 -19.31
C GLU A 248 17.07 -31.96 -18.32
N PRO A 249 16.97 -30.73 -18.83
CA PRO A 249 16.42 -29.63 -18.03
C PRO A 249 14.90 -29.63 -18.17
N LEU A 250 14.22 -28.87 -17.31
CA LEU A 250 12.77 -28.61 -17.49
C LEU A 250 12.57 -27.72 -18.72
N ASP A 251 11.50 -27.96 -19.46
CA ASP A 251 11.08 -27.06 -20.56
C ASP A 251 10.32 -25.86 -20.00
N ASP A 252 10.17 -24.82 -20.82
CA ASP A 252 9.62 -23.52 -20.35
C ASP A 252 8.18 -23.69 -19.88
N GLU A 253 7.42 -24.59 -20.49
CA GLU A 253 6.00 -24.82 -20.11
C GLU A 253 5.98 -25.43 -18.70
N ASN A 254 6.83 -26.42 -18.45
CA ASN A 254 6.84 -27.04 -17.11
C ASN A 254 7.33 -26.01 -16.07
N ILE A 255 8.33 -25.21 -16.40
CA ILE A 255 8.82 -24.14 -15.48
C ILE A 255 7.63 -23.25 -15.12
N ARG A 256 6.82 -22.88 -16.11
CA ARG A 256 5.65 -22.02 -15.85
C ARG A 256 4.71 -22.73 -14.84
N TYR A 257 4.43 -24.02 -15.04
CA TYR A 257 3.60 -24.76 -14.08
C TYR A 257 4.24 -24.77 -12.68
N GLN A 258 5.56 -24.90 -12.57
CA GLN A 258 6.22 -24.93 -11.24
C GLN A 258 6.02 -23.56 -10.59
N ILE A 259 6.22 -22.48 -11.35
CA ILE A 259 6.08 -21.11 -10.78
C ILE A 259 4.63 -20.92 -10.33
N ILE A 260 3.65 -21.28 -11.16
CA ILE A 260 2.23 -21.16 -10.74
C ILE A 260 2.02 -21.96 -9.46
N THR A 261 2.57 -23.16 -9.39
CA THR A 261 2.41 -24.07 -8.24
C THR A 261 2.99 -23.42 -6.98
N PHE A 262 4.16 -22.82 -7.10
CA PHE A 262 4.82 -22.18 -5.93
C PHE A 262 3.99 -20.97 -5.47
N LEU A 263 3.42 -20.21 -6.39
CA LEU A 263 2.63 -19.01 -6.02
C LEU A 263 1.35 -19.44 -5.30
N ILE A 264 0.69 -20.50 -5.77
CA ILE A 264 -0.48 -21.07 -5.09
C ILE A 264 -0.06 -21.43 -3.66
N ALA A 265 1.03 -22.16 -3.50
CA ALA A 265 1.48 -22.63 -2.16
C ALA A 265 1.75 -21.43 -1.25
N GLY A 266 2.52 -20.46 -1.70
CA GLY A 266 2.89 -19.33 -0.81
C GLY A 266 1.66 -18.55 -0.38
N HIS A 267 0.77 -18.27 -1.34
CA HIS A 267 -0.48 -17.53 -1.10
C HIS A 267 -1.38 -18.28 -0.11
N GLU A 268 -1.50 -19.61 -0.20
CA GLU A 268 -2.59 -20.38 0.49
C GLU A 268 -2.13 -20.98 1.81
N THR A 269 -0.92 -21.50 1.94
CA THR A 269 -0.56 -22.43 3.03
C THR A 269 0.17 -21.71 4.18
N THR A 270 1.34 -21.14 3.92
CA THR A 270 2.15 -20.55 5.01
C THR A 270 1.35 -19.43 5.66
N SER A 271 0.55 -18.68 4.89
CA SER A 271 -0.24 -17.57 5.48
C SER A 271 -1.26 -18.13 6.47
N GLY A 272 -1.86 -19.27 6.15
CA GLY A 272 -2.80 -19.91 7.07
C GLY A 272 -2.11 -20.32 8.36
N LEU A 273 -0.96 -20.97 8.23
CA LEU A 273 -0.16 -21.39 9.41
C LEU A 273 0.13 -20.18 10.32
N LEU A 274 0.62 -19.09 9.76
CA LEU A 274 0.98 -17.92 10.57
C LEU A 274 -0.27 -17.34 11.24
N SER A 275 -1.38 -17.32 10.51
CA SER A 275 -2.66 -16.78 11.04
C SER A 275 -3.14 -17.66 12.21
N PHE A 276 -3.13 -18.97 12.04
CA PHE A 276 -3.53 -19.89 13.13
C PHE A 276 -2.56 -19.79 14.30
N ALA A 277 -1.26 -19.69 14.04
CA ALA A 277 -0.28 -19.57 15.13
C ALA A 277 -0.60 -18.32 15.95
N LEU A 278 -0.82 -17.17 15.32
CA LEU A 278 -1.08 -15.94 16.09
C LEU A 278 -2.42 -16.10 16.85
N TYR A 279 -3.43 -16.69 16.22
CA TYR A 279 -4.71 -16.99 16.88
C TYR A 279 -4.44 -17.74 18.18
N PHE A 280 -3.75 -18.87 18.09
CA PHE A 280 -3.50 -19.69 19.30
C PHE A 280 -2.67 -18.91 20.31
N LEU A 281 -1.68 -18.13 19.87
CA LEU A 281 -0.89 -17.34 20.84
C LEU A 281 -1.78 -16.34 21.60
N VAL A 282 -2.66 -15.59 20.94
CA VAL A 282 -3.43 -14.57 21.69
C VAL A 282 -4.48 -15.26 22.59
N LYS A 283 -4.88 -16.48 22.27
CA LYS A 283 -5.85 -17.26 23.06
C LYS A 283 -5.16 -17.98 24.23
N ASN A 284 -3.83 -18.02 24.24
CA ASN A 284 -3.03 -18.81 25.21
C ASN A 284 -1.86 -17.96 25.68
N PRO A 285 -2.12 -16.92 26.49
CA PRO A 285 -1.06 -15.98 26.85
C PRO A 285 0.17 -16.57 27.54
N HIS A 286 0.06 -17.69 28.26
CA HIS A 286 1.26 -18.32 28.85
C HIS A 286 2.19 -18.72 27.70
N VAL A 287 1.62 -19.30 26.65
CA VAL A 287 2.43 -19.75 25.48
C VAL A 287 3.02 -18.52 24.78
N LEU A 288 2.22 -17.48 24.60
N LEU A 288 2.24 -17.44 24.62
CA LEU A 288 2.67 -16.23 23.96
CA LEU A 288 2.76 -16.22 23.95
C LEU A 288 3.89 -15.70 24.72
C LEU A 288 3.94 -15.69 24.77
N GLN A 289 3.85 -15.68 26.05
N GLN A 289 3.84 -15.67 26.10
CA GLN A 289 4.98 -15.14 26.84
CA GLN A 289 4.94 -15.17 26.96
C GLN A 289 6.22 -16.01 26.65
C GLN A 289 6.20 -16.01 26.71
N LYS A 290 6.06 -17.32 26.66
CA LYS A 290 7.21 -18.24 26.50
C LYS A 290 7.85 -18.00 25.12
N ALA A 291 7.02 -17.87 24.09
CA ALA A 291 7.52 -17.66 22.73
C ALA A 291 8.16 -16.27 22.63
N ALA A 292 7.56 -15.25 23.23
CA ALA A 292 8.11 -13.88 23.21
C ALA A 292 9.45 -13.81 23.96
N GLU A 293 9.61 -14.54 25.05
N GLU A 293 9.59 -14.56 25.06
CA GLU A 293 10.91 -14.58 25.77
CA GLU A 293 10.85 -14.64 25.86
C GLU A 293 11.99 -15.14 24.83
C GLU A 293 11.96 -15.19 24.93
N GLU A 294 11.65 -16.22 24.14
CA GLU A 294 12.65 -16.84 23.23
C GLU A 294 13.02 -15.84 22.14
N ALA A 295 12.03 -15.20 21.52
CA ALA A 295 12.30 -14.26 20.43
C ALA A 295 13.21 -13.13 20.94
N ALA A 296 12.95 -12.60 22.13
CA ALA A 296 13.72 -11.47 22.68
C ALA A 296 15.16 -11.89 22.94
N ARG A 297 15.36 -13.09 23.48
CA ARG A 297 16.70 -13.57 23.88
C ARG A 297 17.52 -13.92 22.64
N VAL A 298 16.89 -14.47 21.61
CA VAL A 298 17.63 -15.03 20.45
C VAL A 298 17.88 -13.95 19.41
N LEU A 299 16.87 -13.12 19.12
CA LEU A 299 16.92 -12.17 17.98
C LEU A 299 17.53 -10.85 18.49
N VAL A 300 18.83 -10.89 18.77
CA VAL A 300 19.55 -9.77 19.46
C VAL A 300 20.00 -8.71 18.46
N ASP A 301 19.88 -8.94 17.15
CA ASP A 301 20.31 -7.98 16.11
C ASP A 301 19.09 -7.40 15.40
N PRO A 302 19.18 -6.18 14.86
CA PRO A 302 18.02 -5.58 14.22
C PRO A 302 17.50 -6.39 13.02
N VAL A 303 18.41 -7.10 12.33
CA VAL A 303 18.12 -8.01 11.19
C VAL A 303 18.40 -9.43 11.68
N PRO A 304 17.42 -10.35 11.77
CA PRO A 304 17.70 -11.72 12.16
C PRO A 304 18.60 -12.40 11.13
N SER A 305 19.52 -13.20 11.64
CA SER A 305 20.38 -14.10 10.83
C SER A 305 19.72 -15.47 10.65
N TYR A 306 20.18 -16.21 9.63
CA TYR A 306 19.78 -17.62 9.40
C TYR A 306 20.02 -18.41 10.70
N LYS A 307 21.20 -18.28 11.29
CA LYS A 307 21.58 -19.10 12.48
C LYS A 307 20.64 -18.77 13.64
N GLN A 308 20.26 -17.50 13.79
CA GLN A 308 19.35 -17.10 14.90
C GLN A 308 17.97 -17.72 14.68
N VAL A 309 17.47 -17.76 13.45
CA VAL A 309 16.13 -18.38 13.19
C VAL A 309 16.18 -19.85 13.62
N LYS A 310 17.29 -20.54 13.33
CA LYS A 310 17.43 -21.98 13.70
C LYS A 310 17.36 -22.16 15.21
N GLN A 311 17.66 -21.13 16.00
CA GLN A 311 17.68 -21.23 17.48
C GLN A 311 16.28 -21.07 18.06
N LEU A 312 15.28 -20.68 17.27
CA LEU A 312 13.92 -20.41 17.79
C LEU A 312 13.14 -21.72 17.95
N LYS A 313 13.59 -22.57 18.88
CA LYS A 313 13.02 -23.92 19.12
C LYS A 313 11.55 -23.78 19.51
N TYR A 314 11.24 -22.94 20.49
CA TYR A 314 9.85 -22.86 21.00
C TYR A 314 8.94 -22.24 19.96
N VAL A 315 9.43 -21.28 19.19
CA VAL A 315 8.61 -20.72 18.08
C VAL A 315 8.28 -21.87 17.11
N GLY A 316 9.23 -22.75 16.82
CA GLY A 316 8.98 -23.93 15.97
C GLY A 316 7.95 -24.86 16.57
N MET A 317 7.99 -25.05 17.89
CA MET A 317 6.99 -25.88 18.58
C MET A 317 5.60 -25.27 18.46
N VAL A 318 5.51 -23.95 18.58
CA VAL A 318 4.23 -23.21 18.41
C VAL A 318 3.69 -23.49 17.01
N LEU A 319 4.54 -23.39 15.99
CA LEU A 319 4.10 -23.61 14.61
C LEU A 319 3.64 -25.07 14.43
N ASN A 320 4.36 -26.03 15.00
CA ASN A 320 3.98 -27.45 14.88
C ASN A 320 2.64 -27.68 15.56
N GLU A 321 2.41 -27.08 16.73
CA GLU A 321 1.14 -27.29 17.46
C GLU A 321 -0.01 -26.62 16.69
N ALA A 322 0.23 -25.49 16.01
CA ALA A 322 -0.78 -24.89 15.12
C ALA A 322 -1.06 -25.82 13.92
N LEU A 323 -0.04 -26.43 13.35
CA LEU A 323 -0.22 -27.42 12.27
C LEU A 323 -0.94 -28.65 12.79
N ARG A 324 -0.73 -29.02 14.05
CA ARG A 324 -1.43 -30.18 14.60
C ARG A 324 -2.94 -29.87 14.55
N LEU A 325 -3.36 -28.77 15.16
CA LEU A 325 -4.82 -28.53 15.32
C LEU A 325 -5.46 -28.11 14.00
N TRP A 326 -4.80 -27.27 13.22
CA TRP A 326 -5.39 -26.77 11.96
C TRP A 326 -4.37 -26.87 10.84
N PRO A 327 -4.12 -28.10 10.33
CA PRO A 327 -3.18 -28.29 9.21
C PRO A 327 -3.78 -27.58 8.00
N THR A 328 -3.16 -26.51 7.54
N THR A 328 -3.13 -26.52 7.55
CA THR A 328 -3.78 -25.58 6.56
CA THR A 328 -3.74 -25.56 6.59
C THR A 328 -3.99 -26.27 5.22
C THR A 328 -3.96 -26.26 5.24
N ALA A 329 -3.16 -27.27 4.89
CA ALA A 329 -3.41 -28.18 3.76
C ALA A 329 -4.08 -29.41 4.35
N PRO A 330 -5.43 -29.50 4.37
CA PRO A 330 -6.08 -30.41 5.32
C PRO A 330 -6.24 -31.88 4.92
N ALA A 331 -5.87 -32.24 3.69
CA ALA A 331 -6.08 -33.62 3.21
C ALA A 331 -5.09 -33.93 2.10
N PHE A 332 -4.86 -35.22 1.90
CA PHE A 332 -4.22 -35.74 0.68
C PHE A 332 -4.84 -37.10 0.37
N SER A 333 -4.67 -37.52 -0.87
CA SER A 333 -5.36 -38.67 -1.47
C SER A 333 -4.33 -39.71 -1.86
N LEU A 334 -4.70 -40.99 -1.73
CA LEU A 334 -3.85 -42.13 -2.10
C LEU A 334 -4.68 -43.13 -2.92
N TYR A 335 -4.02 -43.95 -3.73
CA TYR A 335 -4.66 -45.10 -4.39
C TYR A 335 -3.85 -46.36 -4.07
N ALA A 336 -4.52 -47.50 -4.01
CA ALA A 336 -3.89 -48.83 -3.77
C ALA A 336 -3.16 -49.26 -5.05
N LYS A 337 -1.86 -49.51 -4.97
CA LYS A 337 -1.02 -49.96 -6.12
C LYS A 337 -1.45 -51.38 -6.52
N GLU A 338 -1.92 -52.16 -5.56
CA GLU A 338 -2.39 -53.56 -5.78
C GLU A 338 -3.53 -53.85 -4.79
N ASP A 339 -4.30 -54.90 -5.03
CA ASP A 339 -5.22 -55.43 -3.98
C ASP A 339 -4.45 -55.56 -2.67
N THR A 340 -5.09 -55.17 -1.58
CA THR A 340 -4.47 -55.20 -0.23
C THR A 340 -5.57 -55.13 0.81
N VAL A 341 -5.25 -55.48 2.04
CA VAL A 341 -6.19 -55.39 3.18
C VAL A 341 -5.67 -54.31 4.12
N LEU A 342 -6.48 -53.28 4.33
CA LEU A 342 -6.16 -52.17 5.24
C LEU A 342 -6.56 -52.55 6.66
N GLY A 343 -5.59 -52.56 7.58
CA GLY A 343 -5.84 -52.68 9.03
C GLY A 343 -6.36 -54.07 9.40
N GLY A 344 -6.13 -55.07 8.55
CA GLY A 344 -6.61 -56.45 8.76
C GLY A 344 -8.13 -56.58 8.61
N GLU A 345 -8.83 -55.53 8.18
CA GLU A 345 -10.31 -55.44 8.29
C GLU A 345 -10.96 -54.97 6.98
N TYR A 346 -10.29 -54.15 6.17
CA TYR A 346 -10.94 -53.44 5.04
C TYR A 346 -10.26 -53.80 3.72
N PRO A 347 -10.79 -54.79 2.99
CA PRO A 347 -10.21 -55.20 1.71
C PRO A 347 -10.35 -54.09 0.68
N LEU A 348 -9.24 -53.80 0.00
CA LEU A 348 -9.20 -52.80 -1.09
C LEU A 348 -8.75 -53.50 -2.38
N GLU A 349 -9.28 -53.06 -3.49
CA GLU A 349 -8.82 -53.49 -4.83
C GLU A 349 -7.81 -52.47 -5.36
N LYS A 350 -6.87 -52.95 -6.16
CA LYS A 350 -5.98 -52.10 -6.98
C LYS A 350 -6.80 -50.90 -7.49
N GLY A 351 -6.27 -49.69 -7.33
CA GLY A 351 -6.92 -48.45 -7.82
C GLY A 351 -7.86 -47.83 -6.80
N ASP A 352 -8.24 -48.54 -5.75
CA ASP A 352 -9.17 -47.97 -4.73
C ASP A 352 -8.52 -46.74 -4.08
N GLU A 353 -9.33 -45.71 -3.85
CA GLU A 353 -8.87 -44.39 -3.33
C GLU A 353 -9.10 -44.27 -1.82
N LEU A 354 -8.21 -43.53 -1.19
CA LEU A 354 -8.28 -43.14 0.23
C LEU A 354 -8.09 -41.62 0.28
N MET A 355 -8.73 -41.00 1.25
N MET A 355 -8.74 -40.99 1.25
CA MET A 355 -8.49 -39.60 1.65
CA MET A 355 -8.47 -39.58 1.61
C MET A 355 -7.98 -39.61 3.08
C MET A 355 -8.00 -39.57 3.07
N VAL A 356 -6.85 -38.96 3.33
CA VAL A 356 -6.32 -38.77 4.69
C VAL A 356 -6.85 -37.42 5.21
N LEU A 357 -7.64 -37.47 6.27
CA LEU A 357 -8.24 -36.27 6.91
C LEU A 357 -7.27 -35.81 7.99
N ILE A 358 -6.35 -34.92 7.62
CA ILE A 358 -5.18 -34.62 8.50
C ILE A 358 -5.67 -34.03 9.83
N PRO A 359 -6.66 -33.11 9.88
CA PRO A 359 -7.09 -32.58 11.17
C PRO A 359 -7.62 -33.67 12.12
N GLN A 360 -8.16 -34.75 11.57
CA GLN A 360 -8.70 -35.85 12.42
C GLN A 360 -7.57 -36.75 12.88
N LEU A 361 -6.59 -37.03 12.02
CA LEU A 361 -5.37 -37.75 12.41
C LEU A 361 -4.78 -37.06 13.64
N HIS A 362 -4.70 -35.73 13.57
CA HIS A 362 -4.02 -34.90 14.60
C HIS A 362 -4.84 -34.82 15.87
N ARG A 363 -6.05 -35.42 15.86
CA ARG A 363 -6.94 -35.46 17.05
C ARG A 363 -7.12 -36.89 17.54
N ASP A 364 -6.31 -37.83 17.09
CA ASP A 364 -6.37 -39.25 17.52
C ASP A 364 -5.95 -39.31 18.99
N LYS A 365 -6.92 -39.54 19.89
CA LYS A 365 -6.64 -39.52 21.35
C LYS A 365 -5.73 -40.68 21.72
N THR A 366 -5.68 -41.76 20.93
CA THR A 366 -4.80 -42.91 21.26
C THR A 366 -3.34 -42.48 21.10
N ILE A 367 -3.08 -41.43 20.32
CA ILE A 367 -1.70 -40.89 20.11
C ILE A 367 -1.45 -39.72 21.08
N TRP A 368 -2.34 -38.75 21.13
CA TRP A 368 -2.08 -37.42 21.75
C TRP A 368 -2.60 -37.33 23.17
N GLY A 369 -3.47 -38.25 23.60
CA GLY A 369 -4.07 -38.21 24.92
C GLY A 369 -5.39 -37.44 24.92
N ASP A 370 -5.98 -37.27 26.10
CA ASP A 370 -7.36 -36.78 26.23
C ASP A 370 -7.45 -35.28 25.98
N ASP A 371 -6.32 -34.56 26.05
CA ASP A 371 -6.28 -33.09 25.94
C ASP A 371 -6.08 -32.65 24.47
N VAL A 372 -6.52 -33.44 23.46
CA VAL A 372 -6.17 -33.19 22.02
C VAL A 372 -6.61 -31.80 21.54
N GLU A 373 -7.67 -31.21 22.07
CA GLU A 373 -8.17 -29.89 21.59
C GLU A 373 -7.38 -28.74 22.20
N GLU A 374 -6.52 -29.00 23.19
CA GLU A 374 -5.78 -27.94 23.91
C GLU A 374 -4.53 -27.60 23.11
N PHE A 375 -4.19 -26.32 23.08
CA PHE A 375 -2.98 -25.80 22.37
C PHE A 375 -1.83 -25.84 23.35
N ARG A 376 -0.94 -26.82 23.18
N ARG A 376 -0.95 -26.83 23.19
CA ARG A 376 0.20 -27.10 24.10
CA ARG A 376 0.19 -27.11 24.09
C ARG A 376 1.44 -27.41 23.27
C ARG A 376 1.43 -27.41 23.26
N PRO A 377 2.22 -26.38 22.88
CA PRO A 377 3.44 -26.61 22.10
C PRO A 377 4.44 -27.56 22.74
N GLU A 378 4.36 -27.71 24.07
CA GLU A 378 5.24 -28.61 24.85
C GLU A 378 5.07 -30.05 24.38
N ARG A 379 3.95 -30.39 23.73
CA ARG A 379 3.80 -31.73 23.10
C ARG A 379 4.98 -32.01 22.16
N PHE A 380 5.57 -30.98 21.57
CA PHE A 380 6.63 -31.08 20.53
C PHE A 380 8.03 -30.81 21.11
N GLU A 381 8.18 -30.75 22.44
N GLU A 381 8.13 -30.69 22.45
CA GLU A 381 9.49 -30.41 23.06
CA GLU A 381 9.39 -30.51 23.23
C GLU A 381 10.49 -31.51 22.74
C GLU A 381 10.43 -31.50 22.71
N ASN A 382 10.00 -32.76 22.61
CA ASN A 382 10.85 -33.93 22.30
C ASN A 382 10.32 -34.54 21.00
N PRO A 383 10.91 -34.16 19.85
CA PRO A 383 10.42 -34.67 18.57
C PRO A 383 10.37 -36.19 18.50
N SER A 384 11.29 -36.89 19.18
CA SER A 384 11.38 -38.36 19.08
C SER A 384 10.16 -39.03 19.75
N ALA A 385 9.42 -38.29 20.60
CA ALA A 385 8.21 -38.78 21.30
C ALA A 385 7.00 -38.81 20.36
N ILE A 386 7.06 -38.18 19.19
CA ILE A 386 5.95 -38.23 18.19
C ILE A 386 6.06 -39.54 17.42
N PRO A 387 5.09 -40.48 17.51
CA PRO A 387 5.13 -41.69 16.69
C PRO A 387 5.12 -41.46 15.17
N GLN A 388 5.69 -42.40 14.41
CA GLN A 388 5.75 -42.27 12.94
C GLN A 388 4.32 -42.20 12.40
N HIS A 389 4.10 -41.29 11.48
CA HIS A 389 2.83 -41.08 10.73
C HIS A 389 1.73 -40.57 11.66
N ALA A 390 2.04 -40.06 12.85
CA ALA A 390 1.04 -39.41 13.74
C ALA A 390 0.80 -37.97 13.32
N PHE A 391 1.80 -37.36 12.71
CA PHE A 391 1.84 -35.90 12.46
C PHE A 391 2.24 -35.71 11.00
N LYS A 392 1.30 -35.30 10.15
CA LYS A 392 1.50 -35.31 8.69
C LYS A 392 1.02 -34.03 8.03
N PRO A 393 1.32 -32.83 8.56
CA PRO A 393 0.84 -31.61 7.94
C PRO A 393 1.47 -31.35 6.55
N PHE A 394 2.57 -32.00 6.25
CA PHE A 394 3.31 -31.83 4.98
C PHE A 394 3.19 -33.08 4.11
N GLY A 395 2.19 -33.93 4.37
CA GLY A 395 1.97 -35.13 3.54
C GLY A 395 2.96 -36.23 3.85
N ASN A 396 3.26 -37.06 2.84
CA ASN A 396 3.94 -38.34 3.05
C ASN A 396 4.96 -38.68 1.97
N GLY A 397 6.11 -39.19 2.42
CA GLY A 397 7.08 -39.90 1.56
C GLY A 397 7.64 -39.02 0.46
N GLN A 398 7.88 -39.61 -0.69
CA GLN A 398 8.51 -38.87 -1.81
C GLN A 398 7.56 -37.78 -2.32
N ARG A 399 6.25 -37.90 -2.06
CA ARG A 399 5.25 -36.89 -2.48
C ARG A 399 4.94 -35.94 -1.31
N ALA A 400 5.80 -35.87 -0.31
CA ALA A 400 5.64 -34.89 0.79
C ALA A 400 5.95 -33.48 0.24
N CYS A 401 5.53 -32.46 0.99
CA CYS A 401 5.74 -31.05 0.61
C CYS A 401 7.22 -30.76 0.34
N ILE A 402 7.55 -30.35 -0.90
CA ILE A 402 8.96 -29.95 -1.19
C ILE A 402 9.27 -28.62 -0.49
N GLY A 403 8.24 -27.84 -0.18
CA GLY A 403 8.38 -26.50 0.42
C GLY A 403 8.48 -26.52 1.94
N GLN A 404 8.56 -27.68 2.57
CA GLN A 404 8.44 -27.75 4.06
C GLN A 404 9.51 -26.88 4.74
N GLN A 405 10.76 -26.98 4.33
CA GLN A 405 11.87 -26.24 4.99
C GLN A 405 11.66 -24.74 4.73
N PHE A 406 11.27 -24.39 3.53
CA PHE A 406 11.00 -22.98 3.13
C PHE A 406 9.90 -22.42 4.02
N ALA A 407 8.76 -23.09 4.07
CA ALA A 407 7.58 -22.64 4.82
C ALA A 407 7.98 -22.46 6.29
N LEU A 408 8.63 -23.44 6.86
CA LEU A 408 8.96 -23.35 8.30
C LEU A 408 10.04 -22.30 8.58
N HIS A 409 10.99 -22.09 7.67
CA HIS A 409 11.99 -21.04 7.87
C HIS A 409 11.29 -19.68 7.86
N GLU A 410 10.47 -19.45 6.84
CA GLU A 410 9.74 -18.16 6.70
C GLU A 410 8.87 -17.97 7.95
N ALA A 411 8.08 -18.97 8.33
CA ALA A 411 7.10 -18.77 9.41
C ALA A 411 7.83 -18.56 10.73
N THR A 412 8.95 -19.27 10.93
CA THR A 412 9.73 -19.11 12.17
C THR A 412 10.33 -17.69 12.23
N LEU A 413 10.92 -17.24 11.12
CA LEU A 413 11.53 -15.90 11.06
C LEU A 413 10.45 -14.86 11.39
N VAL A 414 9.32 -14.93 10.69
CA VAL A 414 8.27 -13.89 10.76
C VAL A 414 7.67 -13.90 12.16
N LEU A 415 7.28 -15.08 12.64
CA LEU A 415 6.64 -15.13 13.98
C LEU A 415 7.66 -14.66 15.01
N GLY A 416 8.94 -15.06 14.91
CA GLY A 416 10.00 -14.54 15.79
C GLY A 416 10.05 -13.02 15.80
N MET A 417 10.06 -12.41 14.63
CA MET A 417 10.13 -10.93 14.55
C MET A 417 8.84 -10.33 15.12
N MET A 418 7.68 -10.89 14.83
CA MET A 418 6.40 -10.36 15.36
C MET A 418 6.47 -10.35 16.89
N LEU A 419 6.95 -11.44 17.48
CA LEU A 419 6.96 -11.59 18.96
C LEU A 419 8.05 -10.72 19.59
N LYS A 420 9.12 -10.46 18.86
CA LYS A 420 10.19 -9.55 19.33
C LYS A 420 9.66 -8.11 19.39
N HIS A 421 8.92 -7.70 18.36
CA HIS A 421 8.64 -6.25 18.14
C HIS A 421 7.33 -5.79 18.76
N PHE A 422 6.39 -6.69 19.07
CA PHE A 422 5.01 -6.29 19.48
C PHE A 422 4.48 -7.15 20.62
N ASP A 423 3.67 -6.50 21.47
CA ASP A 423 2.66 -7.18 22.31
C ASP A 423 1.37 -7.24 21.49
N PHE A 424 0.55 -8.23 21.72
CA PHE A 424 -0.69 -8.47 20.94
C PHE A 424 -1.87 -8.56 21.89
N GLU A 425 -2.98 -8.00 21.41
CA GLU A 425 -4.26 -7.97 22.14
C GLU A 425 -5.35 -8.56 21.23
N ASP A 426 -6.10 -9.52 21.75
CA ASP A 426 -7.34 -10.05 21.12
C ASP A 426 -8.49 -9.12 21.49
N HIS A 427 -8.51 -7.93 20.91
CA HIS A 427 -9.37 -6.83 21.39
C HIS A 427 -10.85 -7.11 21.12
N THR A 428 -11.19 -8.00 20.20
CA THR A 428 -12.59 -8.34 19.85
C THR A 428 -13.05 -9.65 20.48
N ASN A 429 -12.18 -10.35 21.22
CA ASN A 429 -12.46 -11.72 21.72
C ASN A 429 -12.95 -12.56 20.53
N TYR A 430 -12.08 -12.67 19.54
CA TYR A 430 -12.41 -13.21 18.21
C TYR A 430 -12.87 -14.66 18.31
N GLU A 431 -13.98 -14.97 17.66
CA GLU A 431 -14.51 -16.34 17.58
C GLU A 431 -13.98 -16.98 16.30
N LEU A 432 -13.24 -18.07 16.43
CA LEU A 432 -12.59 -18.72 15.27
C LEU A 432 -13.66 -19.07 14.24
N ASP A 433 -13.41 -18.62 13.01
CA ASP A 433 -14.25 -18.86 11.82
C ASP A 433 -13.28 -19.27 10.73
N ILE A 434 -13.33 -20.52 10.30
CA ILE A 434 -12.31 -21.05 9.37
C ILE A 434 -12.89 -21.07 7.96
N LYS A 435 -12.33 -20.23 7.10
N LYS A 435 -12.33 -20.23 7.10
CA LYS A 435 -12.65 -20.17 5.65
CA LYS A 435 -12.66 -20.18 5.65
C LYS A 435 -11.88 -21.27 4.92
C LYS A 435 -11.88 -21.27 4.92
N GLU A 436 -12.54 -21.94 3.98
CA GLU A 436 -11.92 -23.01 3.18
C GLU A 436 -11.84 -22.52 1.73
N THR A 437 -10.62 -22.52 1.22
CA THR A 437 -10.27 -22.29 -0.20
C THR A 437 -9.62 -23.58 -0.67
N LEU A 438 -8.42 -23.52 -1.25
CA LEU A 438 -7.58 -24.75 -1.34
C LEU A 438 -7.25 -25.20 0.09
N THR A 439 -7.12 -24.22 0.98
CA THR A 439 -6.57 -24.41 2.32
C THR A 439 -7.54 -23.85 3.36
N LEU A 440 -7.16 -24.00 4.62
CA LEU A 440 -7.88 -23.46 5.79
C LEU A 440 -7.19 -22.19 6.28
N LYS A 441 -7.99 -21.16 6.56
CA LYS A 441 -7.46 -19.93 7.18
C LYS A 441 -8.51 -19.35 8.11
N PRO A 442 -8.08 -18.69 9.20
CA PRO A 442 -9.02 -17.93 9.99
C PRO A 442 -9.51 -16.83 9.04
N GLU A 443 -10.80 -16.58 9.11
CA GLU A 443 -11.46 -15.43 8.45
C GLU A 443 -11.86 -14.42 9.52
N GLY A 444 -11.61 -13.14 9.26
CA GLY A 444 -12.09 -12.08 10.16
C GLY A 444 -11.21 -11.91 11.39
N PHE A 445 -10.09 -12.64 11.47
CA PHE A 445 -9.20 -12.58 12.66
C PHE A 445 -8.48 -11.24 12.66
N VAL A 446 -8.69 -10.45 13.71
CA VAL A 446 -8.11 -9.12 13.90
C VAL A 446 -7.49 -9.08 15.29
N VAL A 447 -6.42 -8.28 15.43
CA VAL A 447 -5.72 -8.06 16.72
C VAL A 447 -5.27 -6.61 16.74
N LYS A 448 -4.89 -6.13 17.91
CA LYS A 448 -4.13 -4.89 18.05
C LYS A 448 -2.72 -5.27 18.50
N ALA A 449 -1.75 -4.62 17.88
N ALA A 449 -1.71 -4.56 18.01
CA ALA A 449 -0.33 -4.66 18.29
CA ALA A 449 -0.28 -4.86 18.29
C ALA A 449 -0.04 -3.45 19.16
C ALA A 449 0.40 -3.61 18.84
N LYS A 450 0.85 -3.66 20.11
CA LYS A 450 1.49 -2.52 20.79
C LYS A 450 2.98 -2.69 20.64
N SER A 451 3.62 -1.71 20.01
CA SER A 451 5.06 -1.75 19.72
C SER A 451 5.82 -1.83 21.04
N LYS A 452 6.81 -2.70 21.08
CA LYS A 452 7.84 -2.72 22.16
C LYS A 452 8.93 -1.67 21.86
N LYS A 453 8.81 -0.94 20.74
CA LYS A 453 9.68 0.21 20.36
C LYS A 453 11.13 -0.25 20.28
N ILE A 454 11.35 -1.38 19.61
CA ILE A 454 12.71 -1.94 19.36
C ILE A 454 13.05 -1.63 17.92
N PRO A 455 14.13 -0.85 17.67
CA PRO A 455 14.44 -0.42 16.32
C PRO A 455 14.82 -1.59 15.40
N LEU A 456 14.53 -1.42 14.10
CA LEU A 456 15.06 -2.27 13.01
C LEU A 456 16.34 -1.63 12.48
N ILE B 3 -5.31 58.43 -17.09
CA ILE B 3 -6.20 57.37 -16.59
C ILE B 3 -6.87 56.68 -17.79
N LYS B 4 -6.80 55.34 -17.81
CA LYS B 4 -7.21 54.46 -18.93
C LYS B 4 -8.45 53.64 -18.52
N GLU B 5 -9.23 53.22 -19.52
CA GLU B 5 -10.21 52.13 -19.43
C GLU B 5 -9.51 50.78 -19.64
N MET B 6 -9.89 49.85 -18.79
N MET B 6 -9.65 49.84 -18.71
CA MET B 6 -9.39 48.46 -18.68
CA MET B 6 -9.01 48.51 -18.87
C MET B 6 -10.03 47.61 -19.77
C MET B 6 -9.92 47.62 -19.71
N PRO B 7 -9.32 46.69 -20.48
CA PRO B 7 -10.04 45.74 -21.30
C PRO B 7 -10.81 44.73 -20.43
N GLN B 8 -11.72 44.05 -21.10
CA GLN B 8 -12.59 43.03 -20.49
C GLN B 8 -12.80 41.92 -21.49
N PRO B 9 -12.68 40.64 -21.08
CA PRO B 9 -12.94 39.55 -22.02
C PRO B 9 -14.42 39.41 -22.36
N LYS B 10 -14.70 38.49 -23.28
CA LYS B 10 -16.03 38.31 -23.88
C LYS B 10 -17.10 38.02 -22.82
N THR B 11 -18.28 38.59 -23.02
CA THR B 11 -19.42 38.48 -22.09
C THR B 11 -20.53 37.60 -22.68
N PHE B 12 -21.39 37.16 -21.77
CA PHE B 12 -22.51 36.21 -22.00
C PHE B 12 -23.79 36.83 -21.45
N GLY B 13 -24.15 38.02 -21.96
CA GLY B 13 -25.39 38.69 -21.54
C GLY B 13 -25.38 38.90 -20.04
N GLU B 14 -26.48 38.53 -19.38
CA GLU B 14 -26.73 38.77 -17.94
C GLU B 14 -25.67 38.04 -17.08
N LEU B 15 -25.07 36.96 -17.59
CA LEU B 15 -24.00 36.21 -16.88
C LEU B 15 -22.61 36.89 -16.97
N LYS B 16 -22.48 37.97 -17.75
CA LYS B 16 -21.23 38.75 -17.84
C LYS B 16 -20.09 37.80 -18.19
N ASN B 17 -19.01 37.73 -17.41
CA ASN B 17 -17.86 36.88 -17.78
C ASN B 17 -17.93 35.51 -17.10
N LEU B 18 -18.93 35.28 -16.23
CA LEU B 18 -18.94 34.06 -15.40
C LEU B 18 -18.74 32.78 -16.24
N PRO B 19 -19.39 32.58 -17.41
CA PRO B 19 -19.22 31.33 -18.15
C PRO B 19 -17.79 31.04 -18.63
N LEU B 20 -16.88 32.01 -18.60
CA LEU B 20 -15.44 31.79 -18.89
C LEU B 20 -14.83 30.86 -17.85
N LEU B 21 -15.42 30.76 -16.67
CA LEU B 21 -14.90 29.86 -15.60
C LEU B 21 -15.54 28.49 -15.70
N ASN B 22 -16.48 28.28 -16.64
CA ASN B 22 -17.17 26.98 -16.81
C ASN B 22 -16.23 26.08 -17.62
N THR B 23 -15.17 25.61 -16.96
CA THR B 23 -14.09 24.81 -17.56
C THR B 23 -13.40 24.08 -16.41
N ASP B 24 -12.78 22.93 -16.66
N ASP B 24 -12.78 22.94 -16.71
CA ASP B 24 -11.98 22.26 -15.60
CA ASP B 24 -11.93 22.17 -15.78
C ASP B 24 -10.61 22.93 -15.50
C ASP B 24 -10.63 22.92 -15.52
N LYS B 25 -10.28 23.92 -16.35
CA LYS B 25 -8.94 24.58 -16.32
C LYS B 25 -9.10 26.09 -16.33
N PRO B 26 -9.78 26.67 -15.31
CA PRO B 26 -10.04 28.12 -15.33
C PRO B 26 -8.80 29.01 -15.19
N VAL B 27 -7.79 28.59 -14.42
CA VAL B 27 -6.53 29.39 -14.31
C VAL B 27 -5.88 29.47 -15.67
N GLN B 28 -5.79 28.35 -16.38
CA GLN B 28 -5.16 28.35 -17.71
C GLN B 28 -6.01 29.18 -18.66
N ALA B 29 -7.35 29.17 -18.51
CA ALA B 29 -8.22 30.04 -19.35
C ALA B 29 -7.89 31.50 -19.07
N LEU B 30 -7.74 31.86 -17.80
CA LEU B 30 -7.43 33.26 -17.43
C LEU B 30 -6.04 33.67 -17.94
N MET B 31 -5.08 32.75 -17.91
CA MET B 31 -3.74 33.01 -18.49
C MET B 31 -3.87 33.36 -19.98
N LYS B 32 -4.67 32.61 -20.74
N LYS B 32 -4.67 32.61 -20.74
CA LYS B 32 -4.84 32.88 -22.19
CA LYS B 32 -4.85 32.88 -22.20
C LYS B 32 -5.50 34.25 -22.36
C LYS B 32 -5.52 34.25 -22.38
N ILE B 33 -6.46 34.60 -21.51
CA ILE B 33 -7.11 35.94 -21.57
C ILE B 33 -6.03 37.00 -21.31
N ALA B 34 -5.19 36.80 -20.30
CA ALA B 34 -4.12 37.77 -20.00
C ALA B 34 -3.17 37.91 -21.19
N ASP B 35 -2.87 36.80 -21.87
CA ASP B 35 -1.98 36.85 -23.06
C ASP B 35 -2.61 37.76 -24.13
N GLU B 36 -3.93 37.69 -24.28
N GLU B 36 -3.93 37.72 -24.25
CA GLU B 36 -4.68 38.46 -25.32
CA GLU B 36 -4.69 38.46 -25.31
C GLU B 36 -4.85 39.93 -24.87
C GLU B 36 -4.92 39.91 -24.88
N LEU B 37 -5.23 40.17 -23.61
CA LEU B 37 -5.64 41.52 -23.16
C LEU B 37 -4.51 42.28 -22.46
N GLY B 38 -3.49 41.61 -21.93
CA GLY B 38 -2.36 42.30 -21.30
C GLY B 38 -2.46 42.34 -19.77
N GLU B 39 -1.81 43.34 -19.19
CA GLU B 39 -1.36 43.34 -17.79
C GLU B 39 -2.54 43.47 -16.84
N ILE B 40 -3.69 43.93 -17.32
CA ILE B 40 -4.87 44.12 -16.45
C ILE B 40 -6.14 43.92 -17.25
N PHE B 41 -7.10 43.21 -16.68
CA PHE B 41 -8.44 43.14 -17.29
C PHE B 41 -9.49 43.03 -16.20
N LYS B 42 -10.64 43.58 -16.52
CA LYS B 42 -11.84 43.56 -15.67
C LYS B 42 -12.51 42.21 -15.88
N PHE B 43 -13.07 41.65 -14.82
CA PHE B 43 -13.78 40.36 -14.90
C PHE B 43 -15.03 40.52 -14.05
N GLU B 44 -16.19 40.39 -14.66
CA GLU B 44 -17.49 40.58 -13.97
C GLU B 44 -18.27 39.27 -13.91
N ALA B 45 -18.91 39.02 -12.78
CA ALA B 45 -19.96 38.00 -12.62
C ALA B 45 -21.19 38.74 -12.09
N PRO B 46 -22.40 38.13 -12.13
CA PRO B 46 -23.55 38.77 -11.47
C PRO B 46 -23.20 39.18 -10.03
N GLY B 47 -23.31 40.49 -9.77
CA GLY B 47 -23.08 41.10 -8.45
C GLY B 47 -21.62 41.20 -8.05
N ARG B 48 -20.67 40.95 -8.95
CA ARG B 48 -19.24 40.93 -8.56
C ARG B 48 -18.34 41.48 -9.66
N VAL B 49 -17.33 42.24 -9.27
N VAL B 49 -17.31 42.21 -9.24
CA VAL B 49 -16.24 42.63 -10.21
CA VAL B 49 -16.24 42.77 -10.10
C VAL B 49 -14.88 42.44 -9.53
C VAL B 49 -14.88 42.42 -9.49
N THR B 50 -13.93 41.94 -10.31
CA THR B 50 -12.52 41.89 -9.91
C THR B 50 -11.69 42.33 -11.11
N ARG B 51 -10.41 42.53 -10.87
CA ARG B 51 -9.43 42.91 -11.91
C ARG B 51 -8.25 41.94 -11.81
N TYR B 52 -7.90 41.30 -12.91
CA TYR B 52 -6.79 40.33 -12.95
C TYR B 52 -5.53 41.07 -13.34
N LEU B 53 -4.50 41.01 -12.49
CA LEU B 53 -3.19 41.65 -12.71
C LEU B 53 -2.18 40.60 -13.13
N SER B 54 -1.39 40.91 -14.16
CA SER B 54 -0.39 39.98 -14.74
C SER B 54 1.01 40.59 -14.87
N SER B 55 1.22 41.89 -14.65
CA SER B 55 2.54 42.54 -14.86
C SER B 55 3.20 42.79 -13.51
N GLN B 56 4.52 42.68 -13.46
CA GLN B 56 5.27 43.12 -12.27
C GLN B 56 5.01 44.61 -12.04
N ARG B 57 4.82 45.40 -13.11
CA ARG B 57 4.62 46.86 -12.99
C ARG B 57 3.42 47.14 -12.07
N LEU B 58 2.31 46.41 -12.22
CA LEU B 58 1.11 46.66 -11.40
C LEU B 58 1.18 45.83 -10.11
N ILE B 59 1.70 44.63 -10.17
CA ILE B 59 1.68 43.76 -8.96
C ILE B 59 2.61 44.34 -7.89
N LYS B 60 3.70 45.02 -8.25
CA LYS B 60 4.58 45.60 -7.21
C LYS B 60 3.77 46.64 -6.40
N GLU B 61 2.80 47.31 -7.02
CA GLU B 61 1.92 48.28 -6.30
C GLU B 61 0.88 47.52 -5.48
N ALA B 62 0.29 46.47 -6.04
CA ALA B 62 -0.72 45.64 -5.34
C ALA B 62 -0.12 45.07 -4.04
N CYS B 63 1.19 44.81 -4.03
CA CYS B 63 1.89 44.19 -2.89
C CYS B 63 2.24 45.23 -1.82
N ASP B 64 1.86 46.48 -2.01
CA ASP B 64 2.01 47.54 -0.99
C ASP B 64 0.96 47.33 0.12
N GLU B 65 1.38 46.83 1.28
CA GLU B 65 0.45 46.48 2.38
C GLU B 65 -0.21 47.75 2.96
N SER B 66 0.33 48.95 2.72
CA SER B 66 -0.33 50.19 3.19
C SER B 66 -1.57 50.50 2.33
N ARG B 67 -1.64 49.95 1.12
CA ARG B 67 -2.71 50.26 0.14
C ARG B 67 -3.66 49.06 -0.04
N PHE B 68 -3.18 47.83 0.13
CA PHE B 68 -3.97 46.62 -0.18
C PHE B 68 -3.74 45.57 0.90
N ASP B 69 -4.82 44.89 1.26
CA ASP B 69 -4.83 43.78 2.24
C ASP B 69 -5.34 42.52 1.52
N LYS B 70 -5.07 41.37 2.11
CA LYS B 70 -5.60 40.08 1.61
C LYS B 70 -7.13 40.11 1.57
N ASN B 71 -7.67 39.69 0.43
CA ASN B 71 -9.11 39.44 0.24
C ASN B 71 -9.35 37.93 0.21
N LEU B 72 -10.50 37.48 0.67
CA LEU B 72 -10.93 36.10 0.44
C LEU B 72 -11.64 36.07 -0.92
N SER B 73 -10.99 35.47 -1.90
CA SER B 73 -11.61 35.13 -3.20
C SER B 73 -12.83 34.26 -2.94
N GLN B 74 -13.67 34.11 -3.95
CA GLN B 74 -14.83 33.21 -3.79
C GLN B 74 -14.33 31.80 -3.43
N ALA B 75 -13.25 31.36 -4.07
CA ALA B 75 -12.65 30.04 -3.76
C ALA B 75 -12.38 29.94 -2.25
N LEU B 76 -11.70 30.94 -1.67
N LEU B 76 -11.72 30.93 -1.67
CA LEU B 76 -11.33 30.87 -0.23
CA LEU B 76 -11.34 30.83 -0.23
C LEU B 76 -12.59 30.97 0.64
C LEU B 76 -12.59 30.98 0.66
N LYS B 77 -13.61 31.75 0.22
CA LYS B 77 -14.87 31.83 1.00
C LYS B 77 -15.54 30.46 1.05
N PHE B 78 -15.50 29.68 -0.03
CA PHE B 78 -16.10 28.34 -0.02
C PHE B 78 -15.23 27.36 0.75
N VAL B 79 -13.91 27.48 0.67
CA VAL B 79 -12.99 26.64 1.48
C VAL B 79 -13.18 26.96 2.97
N ARG B 80 -13.52 28.20 3.31
CA ARG B 80 -13.76 28.60 4.71
C ARG B 80 -14.88 27.75 5.34
N ASP B 81 -15.81 27.21 4.55
CA ASP B 81 -16.87 26.36 5.14
C ASP B 81 -16.27 25.14 5.84
N PHE B 82 -15.04 24.72 5.51
CA PHE B 82 -14.37 23.64 6.29
C PHE B 82 -13.05 24.11 6.92
N ALA B 83 -12.40 25.17 6.43
CA ALA B 83 -11.10 25.64 7.00
C ALA B 83 -11.34 26.75 8.03
N GLY B 84 -12.57 27.24 8.14
CA GLY B 84 -13.00 28.18 9.19
C GLY B 84 -12.11 29.41 9.24
N ASP B 85 -11.77 29.82 10.45
CA ASP B 85 -10.86 30.97 10.67
C ASP B 85 -9.46 30.44 10.97
N GLY B 86 -9.07 29.36 10.31
CA GLY B 86 -7.65 29.02 10.23
C GLY B 86 -6.87 30.12 9.51
N LEU B 87 -5.54 30.01 9.48
CA LEU B 87 -4.72 31.16 9.01
C LEU B 87 -5.06 31.52 7.56
N PHE B 88 -5.29 30.51 6.71
CA PHE B 88 -5.38 30.70 5.25
C PHE B 88 -6.71 31.35 4.85
N THR B 89 -7.79 31.11 5.59
CA THR B 89 -9.15 31.60 5.26
C THR B 89 -9.67 32.65 6.25
N SER B 90 -8.78 33.23 7.06
N SER B 90 -8.75 33.24 7.01
CA SER B 90 -9.13 34.34 7.97
CA SER B 90 -9.02 34.36 7.96
C SER B 90 -8.79 35.69 7.33
C SER B 90 -8.79 35.71 7.29
N TRP B 91 -9.59 36.70 7.67
CA TRP B 91 -9.29 38.11 7.35
C TRP B 91 -8.22 38.60 8.32
N THR B 92 -7.39 39.53 7.88
CA THR B 92 -6.25 40.05 8.67
C THR B 92 -6.78 40.68 9.95
N HIS B 93 -7.98 41.24 9.90
CA HIS B 93 -8.57 42.00 11.03
C HIS B 93 -9.29 41.08 12.02
N GLU B 94 -9.47 39.79 11.70
CA GLU B 94 -10.09 38.87 12.69
C GLU B 94 -9.07 38.60 13.80
N LYS B 95 -9.52 38.63 15.05
CA LYS B 95 -8.64 38.39 16.21
C LYS B 95 -7.82 37.11 16.01
N ASN B 96 -8.45 36.05 15.53
CA ASN B 96 -7.81 34.73 15.43
C ASN B 96 -6.69 34.71 14.37
N TRP B 97 -6.67 35.63 13.43
CA TRP B 97 -5.56 35.66 12.44
C TRP B 97 -4.26 35.99 13.19
N LYS B 98 -4.16 37.17 13.83
CA LYS B 98 -2.90 37.62 14.45
C LYS B 98 -2.56 36.67 15.61
N LYS B 99 -3.56 36.21 16.34
CA LYS B 99 -3.32 35.33 17.50
C LYS B 99 -2.66 34.03 17.03
N ALA B 100 -3.24 33.36 16.02
CA ALA B 100 -2.71 32.08 15.49
C ALA B 100 -1.36 32.36 14.81
N HIS B 101 -1.23 33.48 14.09
CA HIS B 101 0.04 33.86 13.44
C HIS B 101 1.15 33.93 14.48
N ASN B 102 0.93 34.67 15.56
CA ASN B 102 1.97 34.86 16.59
C ASN B 102 2.33 33.51 17.22
N ILE B 103 1.33 32.68 17.48
N ILE B 103 1.32 32.68 17.48
CA ILE B 103 1.57 31.37 18.14
CA ILE B 103 1.49 31.32 18.11
C ILE B 103 2.31 30.41 17.19
C ILE B 103 2.32 30.44 17.19
N LEU B 104 1.97 30.41 15.91
CA LEU B 104 2.50 29.40 14.97
C LEU B 104 3.82 29.80 14.31
N LEU B 105 4.15 31.08 14.23
CA LEU B 105 5.39 31.53 13.55
C LEU B 105 6.60 30.73 14.04
N PRO B 106 6.85 30.59 15.36
CA PRO B 106 8.02 29.84 15.81
C PRO B 106 8.00 28.36 15.36
N SER B 107 6.80 27.78 15.22
CA SER B 107 6.60 26.37 14.77
C SER B 107 6.99 26.20 13.30
N PHE B 108 7.14 27.28 12.54
CA PHE B 108 7.27 27.25 11.06
C PHE B 108 8.60 27.85 10.63
N SER B 109 9.47 28.16 11.60
CA SER B 109 10.77 28.81 11.35
C SER B 109 11.75 27.82 10.75
N GLN B 110 12.82 28.35 10.17
CA GLN B 110 14.01 27.54 9.77
C GLN B 110 14.46 26.71 10.99
N GLN B 111 14.47 27.26 12.22
CA GLN B 111 14.90 26.52 13.45
C GLN B 111 14.02 25.27 13.65
N ALA B 112 12.71 25.45 13.52
CA ALA B 112 11.71 24.41 13.80
C ALA B 112 11.94 23.24 12.83
N MET B 113 12.46 23.52 11.65
CA MET B 113 12.66 22.50 10.60
C MET B 113 13.66 21.46 11.12
N LYS B 114 14.60 21.82 11.98
CA LYS B 114 15.53 20.80 12.55
C LYS B 114 14.75 19.71 13.29
N GLY B 115 13.66 20.08 13.97
CA GLY B 115 12.82 19.11 14.72
C GLY B 115 11.95 18.28 13.80
N TYR B 116 11.52 18.82 12.67
CA TYR B 116 10.62 18.10 11.73
C TYR B 116 11.43 17.18 10.81
N HIS B 117 12.72 17.45 10.66
CA HIS B 117 13.60 16.80 9.64
C HIS B 117 13.49 15.28 9.71
N ALA B 118 13.64 14.68 10.88
CA ALA B 118 13.60 13.21 11.03
C ALA B 118 12.26 12.64 10.52
N MET B 119 11.14 13.29 10.81
CA MET B 119 9.81 12.84 10.34
C MET B 119 9.75 12.98 8.81
N MET B 120 10.30 14.06 8.26
CA MET B 120 10.31 14.24 6.79
C MET B 120 11.15 13.11 6.16
N VAL B 121 12.28 12.76 6.78
CA VAL B 121 13.15 11.67 6.27
C VAL B 121 12.37 10.34 6.31
N ASP B 122 11.61 10.09 7.37
CA ASP B 122 10.80 8.85 7.50
C ASP B 122 9.95 8.68 6.22
N ILE B 123 9.22 9.71 5.82
CA ILE B 123 8.33 9.58 4.63
C ILE B 123 9.18 9.55 3.35
N ALA B 124 10.23 10.34 3.26
CA ALA B 124 11.07 10.39 2.03
C ALA B 124 11.68 9.02 1.81
N VAL B 125 12.10 8.36 2.87
CA VAL B 125 12.69 6.99 2.76
C VAL B 125 11.60 6.03 2.27
N GLN B 126 10.36 6.18 2.71
CA GLN B 126 9.26 5.34 2.20
C GLN B 126 9.12 5.51 0.69
N LEU B 127 9.21 6.74 0.17
CA LEU B 127 9.12 6.97 -1.28
C LEU B 127 10.28 6.26 -1.99
N VAL B 128 11.50 6.48 -1.52
CA VAL B 128 12.70 5.89 -2.17
C VAL B 128 12.57 4.36 -2.16
N GLN B 129 12.17 3.77 -1.04
N GLN B 129 12.17 3.77 -1.04
CA GLN B 129 12.03 2.30 -0.97
CA GLN B 129 12.03 2.30 -0.94
C GLN B 129 10.94 1.83 -1.93
C GLN B 129 10.94 1.82 -1.90
N LYS B 130 9.81 2.54 -2.03
CA LYS B 130 8.76 2.17 -3.01
C LYS B 130 9.38 2.07 -4.42
N TRP B 131 10.13 3.09 -4.81
CA TRP B 131 10.66 3.14 -6.18
C TRP B 131 11.77 2.09 -6.33
N GLU B 132 12.55 1.83 -5.29
CA GLU B 132 13.59 0.76 -5.34
C GLU B 132 12.92 -0.59 -5.60
N ARG B 133 11.68 -0.76 -5.16
CA ARG B 133 10.97 -2.06 -5.18
C ARG B 133 10.11 -2.24 -6.43
N LEU B 134 10.10 -1.27 -7.35
CA LEU B 134 9.38 -1.48 -8.62
C LEU B 134 10.12 -2.52 -9.45
N ASN B 135 9.35 -3.27 -10.23
CA ASN B 135 9.88 -4.25 -11.20
C ASN B 135 10.29 -3.53 -12.50
N ALA B 136 11.10 -4.20 -13.29
CA ALA B 136 11.72 -3.62 -14.51
C ALA B 136 10.68 -2.95 -15.41
N ASP B 137 9.50 -3.56 -15.60
CA ASP B 137 8.53 -3.11 -16.66
C ASP B 137 7.61 -2.01 -16.10
N GLU B 138 7.88 -1.50 -14.90
CA GLU B 138 6.91 -0.65 -14.18
C GLU B 138 7.33 0.81 -14.32
N HIS B 139 6.38 1.69 -14.09
CA HIS B 139 6.63 3.12 -14.09
C HIS B 139 6.10 3.72 -12.80
N ILE B 140 6.43 4.99 -12.64
CA ILE B 140 6.03 5.83 -11.50
C ILE B 140 4.91 6.79 -11.97
N GLU B 141 3.84 6.83 -11.20
CA GLU B 141 2.77 7.84 -11.32
C GLU B 141 3.20 9.02 -10.44
N VAL B 142 3.71 10.06 -11.06
CA VAL B 142 4.49 11.08 -10.32
C VAL B 142 3.61 11.90 -9.37
N PRO B 143 2.57 12.63 -9.84
CA PRO B 143 1.78 13.41 -8.89
C PRO B 143 1.13 12.51 -7.83
N GLU B 144 0.75 11.29 -8.20
CA GLU B 144 0.14 10.36 -7.22
C GLU B 144 1.13 10.09 -6.09
N ASP B 145 2.37 9.73 -6.40
CA ASP B 145 3.38 9.42 -5.37
C ASP B 145 3.81 10.69 -4.62
N MET B 146 3.90 11.83 -5.29
CA MET B 146 4.29 13.06 -4.58
C MET B 146 3.18 13.44 -3.59
N THR B 147 1.91 13.20 -3.92
CA THR B 147 0.77 13.53 -3.04
C THR B 147 0.76 12.57 -1.85
N ARG B 148 1.06 11.29 -2.09
CA ARG B 148 1.20 10.34 -0.96
C ARG B 148 2.25 10.91 0.00
N LEU B 149 3.40 11.34 -0.51
CA LEU B 149 4.52 11.82 0.34
C LEU B 149 4.09 13.07 1.13
N THR B 150 3.61 14.10 0.44
CA THR B 150 3.44 15.41 1.11
C THR B 150 2.28 15.34 2.10
N LEU B 151 1.23 14.60 1.79
CA LEU B 151 0.15 14.37 2.77
C LEU B 151 0.74 13.70 3.99
N ASP B 152 1.50 12.62 3.79
CA ASP B 152 2.02 11.84 4.94
C ASP B 152 2.97 12.70 5.78
N THR B 153 3.76 13.54 5.15
CA THR B 153 4.74 14.38 5.89
C THR B 153 3.97 15.34 6.80
N ILE B 154 2.93 16.02 6.29
CA ILE B 154 2.23 17.01 7.14
C ILE B 154 1.38 16.26 8.18
N GLY B 155 0.89 15.06 7.89
CA GLY B 155 0.18 14.30 8.94
C GLY B 155 1.10 14.00 10.11
N LEU B 156 2.33 13.57 9.84
CA LEU B 156 3.28 13.16 10.88
C LEU B 156 3.81 14.39 11.61
N CYS B 157 4.20 15.44 10.89
CA CYS B 157 4.72 16.69 11.50
C CYS B 157 3.58 17.50 12.13
N GLY B 158 2.38 17.41 11.58
CA GLY B 158 1.23 18.21 12.06
C GLY B 158 0.72 17.65 13.36
N PHE B 159 0.44 16.35 13.42
CA PHE B 159 -0.22 15.81 14.63
C PHE B 159 0.15 14.35 14.86
N ASN B 160 1.34 13.94 14.39
CA ASN B 160 1.90 12.60 14.71
C ASN B 160 0.89 11.53 14.27
N TYR B 161 0.27 11.71 13.11
CA TYR B 161 -0.73 10.79 12.55
C TYR B 161 -0.17 10.24 11.24
N ARG B 162 -0.21 8.92 11.08
CA ARG B 162 0.25 8.27 9.84
C ARG B 162 -0.93 7.97 8.93
N PHE B 163 -1.05 8.71 7.82
CA PHE B 163 -2.07 8.40 6.79
C PHE B 163 -1.66 7.10 6.07
N ASN B 164 -0.38 6.73 6.11
CA ASN B 164 0.10 5.45 5.53
C ASN B 164 -0.29 5.38 4.06
N SER B 165 -0.06 6.48 3.34
CA SER B 165 -0.49 6.63 1.93
C SER B 165 0.27 5.64 1.02
N PHE B 166 1.48 5.23 1.40
CA PHE B 166 2.24 4.28 0.55
C PHE B 166 1.74 2.85 0.74
N TYR B 167 0.82 2.61 1.67
CA TYR B 167 0.22 1.29 1.94
C TYR B 167 -1.13 1.15 1.24
N ARG B 168 -1.53 2.15 0.44
CA ARG B 168 -2.93 2.29 -0.06
C ARG B 168 -2.96 2.60 -1.55
N ASP B 169 -3.98 2.08 -2.23
CA ASP B 169 -4.46 2.56 -3.55
C ASP B 169 -5.51 3.65 -3.30
N GLN B 170 -6.53 3.29 -2.53
CA GLN B 170 -7.71 4.14 -2.19
C GLN B 170 -7.32 5.05 -1.04
N PRO B 171 -7.64 6.37 -1.11
CA PRO B 171 -7.22 7.29 -0.06
C PRO B 171 -7.83 6.88 1.28
N HIS B 172 -7.19 7.31 2.34
CA HIS B 172 -7.76 7.37 3.71
C HIS B 172 -9.15 8.02 3.64
N PRO B 173 -10.17 7.54 4.39
CA PRO B 173 -11.49 8.17 4.40
C PRO B 173 -11.52 9.69 4.60
N PHE B 174 -10.65 10.19 5.48
CA PHE B 174 -10.53 11.63 5.76
C PHE B 174 -10.20 12.33 4.45
N ILE B 175 -9.25 11.77 3.73
CA ILE B 175 -8.73 12.34 2.46
C ILE B 175 -9.80 12.30 1.37
N THR B 176 -10.60 11.23 1.29
N THR B 176 -10.57 11.20 1.28
CA THR B 176 -11.71 11.15 0.30
CA THR B 176 -11.74 11.12 0.36
C THR B 176 -12.66 12.33 0.56
C THR B 176 -12.60 12.37 0.58
N SER B 177 -13.00 12.62 1.84
CA SER B 177 -13.89 13.74 2.22
C SER B 177 -13.21 15.10 1.94
N MET B 178 -11.94 15.26 2.28
CA MET B 178 -11.22 16.54 2.07
C MET B 178 -11.17 16.84 0.57
N VAL B 179 -10.77 15.86 -0.23
CA VAL B 179 -10.67 16.06 -1.71
C VAL B 179 -12.06 16.40 -2.27
N ARG B 180 -13.12 15.71 -1.83
CA ARG B 180 -14.48 15.94 -2.38
C ARG B 180 -14.99 17.32 -1.93
N ALA B 181 -14.60 17.76 -0.73
CA ALA B 181 -14.99 19.09 -0.21
C ALA B 181 -14.28 20.17 -1.02
N LEU B 182 -13.00 19.98 -1.31
CA LEU B 182 -12.22 20.92 -2.15
C LEU B 182 -12.83 20.95 -3.55
N ASP B 183 -13.25 19.80 -4.08
CA ASP B 183 -13.85 19.73 -5.44
C ASP B 183 -15.17 20.51 -5.44
N GLU B 184 -16.00 20.36 -4.42
CA GLU B 184 -17.29 21.08 -4.35
C GLU B 184 -17.01 22.59 -4.25
N ALA B 185 -16.06 23.01 -3.41
CA ALA B 185 -15.75 24.45 -3.23
C ALA B 185 -15.34 25.05 -4.57
N MET B 186 -14.46 24.36 -5.30
CA MET B 186 -13.96 24.91 -6.58
C MET B 186 -15.04 24.85 -7.68
N ASN B 187 -15.87 23.80 -7.68
N ASN B 187 -15.88 23.80 -7.67
CA ASN B 187 -16.98 23.67 -8.66
CA ASN B 187 -16.98 23.67 -8.67
C ASN B 187 -18.03 24.76 -8.40
C ASN B 187 -18.06 24.74 -8.41
N LYS B 188 -18.29 25.09 -7.13
CA LYS B 188 -19.42 25.98 -6.74
C LYS B 188 -19.21 27.38 -7.35
N LEU B 189 -17.98 27.86 -7.48
N LEU B 189 -17.93 27.80 -7.46
CA LEU B 189 -17.79 29.27 -7.92
CA LEU B 189 -17.46 29.07 -8.07
C LEU B 189 -18.06 29.40 -9.43
C LEU B 189 -18.19 29.35 -9.36
N GLN B 190 -18.25 28.30 -10.17
CA GLN B 190 -18.61 28.34 -11.61
C GLN B 190 -20.14 28.46 -11.78
N ARG B 191 -20.92 28.13 -10.75
CA ARG B 191 -22.40 27.95 -10.90
C ARG B 191 -23.11 29.31 -10.95
N ALA B 192 -23.81 29.56 -12.05
CA ALA B 192 -24.69 30.74 -12.26
C ALA B 192 -25.92 30.63 -11.36
N ASN B 193 -26.41 29.41 -11.14
CA ASN B 193 -27.69 29.14 -10.44
C ASN B 193 -27.45 28.20 -9.26
N PRO B 194 -26.67 28.59 -8.23
CA PRO B 194 -26.27 27.67 -7.16
C PRO B 194 -27.39 27.12 -6.27
N ASP B 195 -28.57 27.76 -6.23
CA ASP B 195 -29.69 27.30 -5.38
C ASP B 195 -30.63 26.41 -6.22
N ASP B 196 -30.29 26.11 -7.47
CA ASP B 196 -31.03 25.15 -8.34
C ASP B 196 -31.09 23.82 -7.59
N PRO B 197 -32.27 23.18 -7.48
CA PRO B 197 -32.38 21.89 -6.77
C PRO B 197 -31.44 20.79 -7.29
N ALA B 198 -30.94 20.91 -8.52
CA ALA B 198 -29.96 19.98 -9.13
C ALA B 198 -28.68 19.89 -8.28
N TYR B 199 -28.39 20.89 -7.44
CA TYR B 199 -27.17 20.91 -6.58
C TYR B 199 -27.53 20.46 -5.14
N ASP B 200 -28.74 19.97 -4.88
CA ASP B 200 -29.14 19.54 -3.50
C ASP B 200 -28.25 18.38 -3.02
N GLU B 201 -27.99 17.39 -3.88
CA GLU B 201 -27.14 16.22 -3.53
C GLU B 201 -25.72 16.71 -3.21
N ASN B 202 -25.16 17.60 -4.03
CA ASN B 202 -23.81 18.19 -3.80
C ASN B 202 -23.75 18.83 -2.40
N LYS B 203 -24.80 19.56 -2.03
CA LYS B 203 -24.87 20.28 -0.73
C LYS B 203 -24.91 19.25 0.41
N ARG B 204 -25.71 18.18 0.26
CA ARG B 204 -25.84 17.12 1.29
C ARG B 204 -24.47 16.45 1.51
N GLN B 205 -23.79 16.12 0.41
CA GLN B 205 -22.48 15.42 0.41
C GLN B 205 -21.43 16.34 1.05
N PHE B 206 -21.48 17.62 0.72
CA PHE B 206 -20.55 18.65 1.28
C PHE B 206 -20.67 18.64 2.81
N GLN B 207 -21.90 18.72 3.34
CA GLN B 207 -22.15 18.77 4.81
C GLN B 207 -21.61 17.49 5.45
N GLU B 208 -21.81 16.33 4.81
CA GLU B 208 -21.32 15.00 5.30
C GLU B 208 -19.78 15.01 5.33
N ASP B 209 -19.13 15.57 4.30
CA ASP B 209 -17.65 15.56 4.19
C ASP B 209 -17.04 16.46 5.26
N ILE B 210 -17.67 17.61 5.52
CA ILE B 210 -17.26 18.53 6.60
C ILE B 210 -17.34 17.75 7.92
N LYS B 211 -18.44 17.04 8.16
CA LYS B 211 -18.63 16.25 9.41
C LYS B 211 -17.50 15.23 9.58
N VAL B 212 -17.11 14.51 8.52
CA VAL B 212 -16.02 13.50 8.55
C VAL B 212 -14.70 14.17 8.97
N MET B 213 -14.37 15.31 8.36
CA MET B 213 -13.08 15.98 8.64
C MET B 213 -13.06 16.44 10.11
N ASN B 214 -14.15 17.07 10.56
CA ASN B 214 -14.27 17.61 11.94
C ASN B 214 -14.19 16.47 12.94
N ASP B 215 -14.88 15.36 12.67
CA ASP B 215 -14.92 14.20 13.60
C ASP B 215 -13.49 13.64 13.78
N LEU B 216 -12.73 13.40 12.71
CA LEU B 216 -11.37 12.81 12.86
C LEU B 216 -10.50 13.83 13.59
N VAL B 217 -10.51 15.09 13.15
CA VAL B 217 -9.55 16.06 13.70
C VAL B 217 -9.89 16.35 15.18
N ASP B 218 -11.17 16.51 15.49
CA ASP B 218 -11.62 16.80 16.88
C ASP B 218 -11.26 15.62 17.78
N LYS B 219 -11.37 14.39 17.27
CA LYS B 219 -10.99 13.15 18.03
C LYS B 219 -9.49 13.18 18.29
N ILE B 220 -8.68 13.51 17.28
N ILE B 220 -8.69 13.51 17.28
CA ILE B 220 -7.20 13.54 17.42
CA ILE B 220 -7.21 13.54 17.41
C ILE B 220 -6.81 14.55 18.51
C ILE B 220 -6.82 14.54 18.51
N ILE B 221 -7.45 15.72 18.51
CA ILE B 221 -7.16 16.77 19.53
C ILE B 221 -7.54 16.26 20.92
N ALA B 222 -8.75 15.71 21.05
CA ALA B 222 -9.32 15.16 22.30
C ALA B 222 -8.39 14.03 22.78
N ASP B 223 -8.00 13.11 21.89
CA ASP B 223 -7.09 11.98 22.21
C ASP B 223 -5.76 12.50 22.75
N ARG B 224 -5.21 13.55 22.14
CA ARG B 224 -3.89 14.09 22.55
C ARG B 224 -4.02 14.76 23.92
N LYS B 225 -5.07 15.52 24.16
CA LYS B 225 -5.24 16.20 25.48
C LYS B 225 -5.37 15.15 26.59
N ALA B 226 -6.01 14.02 26.29
CA ALA B 226 -6.32 12.94 27.28
C ALA B 226 -5.03 12.24 27.68
N SER B 227 -4.14 12.00 26.71
CA SER B 227 -2.89 11.22 26.91
C SER B 227 -1.85 12.07 27.64
N GLY B 228 -1.88 13.39 27.43
CA GLY B 228 -0.85 14.34 27.93
C GLY B 228 0.47 14.20 27.19
N GLU B 229 0.51 13.36 26.15
CA GLU B 229 1.76 13.11 25.38
C GLU B 229 2.27 14.44 24.82
N GLN B 230 3.57 14.66 24.91
CA GLN B 230 4.31 15.81 24.32
C GLN B 230 5.15 15.25 23.17
N SER B 231 4.74 15.47 21.92
CA SER B 231 5.54 15.11 20.72
C SER B 231 6.00 16.40 20.03
N ASP B 232 6.90 16.28 19.05
CA ASP B 232 7.57 17.41 18.35
C ASP B 232 6.70 17.83 17.16
N ASP B 233 5.38 17.93 17.36
CA ASP B 233 4.45 18.23 16.25
C ASP B 233 3.75 19.57 16.47
N LEU B 234 3.11 20.06 15.42
CA LEU B 234 2.39 21.35 15.48
C LEU B 234 1.28 21.29 16.52
N LEU B 235 0.63 20.14 16.69
CA LEU B 235 -0.52 20.03 17.62
C LEU B 235 -0.01 20.27 19.04
N THR B 236 1.15 19.72 19.43
CA THR B 236 1.71 19.98 20.78
C THR B 236 1.94 21.49 20.93
N HIS B 237 2.53 22.11 19.90
CA HIS B 237 2.83 23.57 19.93
C HIS B 237 1.53 24.38 20.11
N MET B 238 0.44 23.99 19.44
CA MET B 238 -0.86 24.70 19.52
C MET B 238 -1.56 24.46 20.87
N LEU B 239 -1.42 23.29 21.46
CA LEU B 239 -2.05 23.02 22.79
C LEU B 239 -1.31 23.79 23.90
N ASN B 240 -0.01 24.01 23.73
CA ASN B 240 0.88 24.60 24.77
C ASN B 240 1.12 26.11 24.54
N GLY B 241 0.97 26.58 23.31
CA GLY B 241 1.40 27.94 22.93
C GLY B 241 0.47 29.01 23.48
N LYS B 242 1.03 30.17 23.79
CA LYS B 242 0.28 31.36 24.20
C LYS B 242 0.69 32.50 23.26
N ASP B 243 -0.28 33.28 22.81
CA ASP B 243 0.00 34.50 22.01
C ASP B 243 0.67 35.51 22.90
N PRO B 244 1.89 35.99 22.58
CA PRO B 244 2.54 36.98 23.44
C PRO B 244 1.71 38.26 23.62
N GLU B 245 0.89 38.60 22.63
CA GLU B 245 0.10 39.86 22.58
C GLU B 245 -1.08 39.72 23.55
N THR B 246 -2.04 38.84 23.24
CA THR B 246 -3.27 38.63 24.06
C THR B 246 -2.98 37.81 25.33
N GLY B 247 -1.89 37.01 25.33
CA GLY B 247 -1.58 36.04 26.39
C GLY B 247 -2.46 34.79 26.32
N GLU B 248 -3.30 34.70 25.29
CA GLU B 248 -4.30 33.61 25.17
C GLU B 248 -3.76 32.47 24.32
N PRO B 249 -4.19 31.22 24.60
CA PRO B 249 -3.93 30.08 23.72
C PRO B 249 -5.04 30.00 22.67
N LEU B 250 -4.83 29.20 21.62
CA LEU B 250 -5.88 28.87 20.63
C LEU B 250 -6.91 27.97 21.30
N ASP B 251 -8.17 28.13 20.94
CA ASP B 251 -9.22 27.18 21.41
C ASP B 251 -9.21 25.95 20.49
N ASP B 252 -9.84 24.88 20.95
CA ASP B 252 -9.78 23.55 20.27
C ASP B 252 -10.42 23.66 18.88
N GLU B 253 -11.47 24.47 18.74
CA GLU B 253 -12.12 24.66 17.42
C GLU B 253 -11.10 25.29 16.45
N ASN B 254 -10.37 26.32 16.88
CA ASN B 254 -9.41 26.99 15.98
C ASN B 254 -8.27 26.03 15.67
N ILE B 255 -7.83 25.25 16.65
CA ILE B 255 -6.76 24.25 16.39
C ILE B 255 -7.26 23.30 15.29
N ARG B 256 -8.51 22.86 15.38
CA ARG B 256 -9.06 21.96 14.34
C ARG B 256 -8.94 22.64 12.98
N TYR B 257 -9.35 23.90 12.86
CA TYR B 257 -9.27 24.62 11.57
C TYR B 257 -7.82 24.73 11.10
N GLN B 258 -6.87 24.96 12.00
CA GLN B 258 -5.44 25.02 11.61
C GLN B 258 -5.03 23.66 11.06
N ILE B 259 -5.38 22.56 11.74
CA ILE B 259 -4.97 21.20 11.27
C ILE B 259 -5.57 20.95 9.88
N ILE B 260 -6.86 21.23 9.71
CA ILE B 260 -7.51 21.01 8.38
C ILE B 260 -6.76 21.85 7.33
N THR B 261 -6.43 23.10 7.67
CA THR B 261 -5.70 24.01 6.76
C THR B 261 -4.36 23.39 6.36
N PHE B 262 -3.62 22.85 7.33
CA PHE B 262 -2.26 22.30 7.07
C PHE B 262 -2.40 21.07 6.17
N LEU B 263 -3.42 20.24 6.39
CA LEU B 263 -3.62 19.01 5.59
C LEU B 263 -3.99 19.38 4.15
N ILE B 264 -4.81 20.39 3.97
CA ILE B 264 -5.13 20.89 2.61
C ILE B 264 -3.80 21.32 1.96
N ALA B 265 -3.02 22.13 2.64
CA ALA B 265 -1.78 22.67 2.03
C ALA B 265 -0.82 21.52 1.66
N GLY B 266 -0.60 20.57 2.55
CA GLY B 266 0.39 19.52 2.26
C GLY B 266 -0.07 18.65 1.12
N HIS B 267 -1.37 18.33 1.08
CA HIS B 267 -1.98 17.51 0.00
C HIS B 267 -1.85 18.23 -1.34
N GLU B 268 -2.10 19.53 -1.37
CA GLU B 268 -2.37 20.26 -2.65
C GLU B 268 -1.11 20.93 -3.22
N THR B 269 -0.22 21.48 -2.40
CA THR B 269 0.79 22.46 -2.90
C THR B 269 2.15 21.79 -3.11
N THR B 270 2.79 21.30 -2.05
CA THR B 270 4.18 20.81 -2.15
C THR B 270 4.23 19.67 -3.18
N SER B 271 3.17 18.86 -3.27
CA SER B 271 3.11 17.72 -4.21
C SER B 271 3.12 18.25 -5.65
N GLY B 272 2.42 19.33 -5.91
CA GLY B 272 2.48 19.99 -7.22
C GLY B 272 3.87 20.47 -7.52
N LEU B 273 4.51 21.17 -6.58
CA LEU B 273 5.88 21.67 -6.78
C LEU B 273 6.80 20.51 -7.16
N LEU B 274 6.78 19.42 -6.40
CA LEU B 274 7.71 18.30 -6.67
C LEU B 274 7.42 17.71 -8.03
N SER B 275 6.14 17.62 -8.39
CA SER B 275 5.72 17.02 -9.69
C SER B 275 6.24 17.90 -10.82
N PHE B 276 6.00 19.21 -10.78
CA PHE B 276 6.51 20.13 -11.81
C PHE B 276 8.03 20.13 -11.84
N ALA B 277 8.71 20.06 -10.69
CA ALA B 277 10.19 20.07 -10.67
C ALA B 277 10.69 18.82 -11.41
N LEU B 278 10.11 17.67 -11.13
CA LEU B 278 10.57 16.43 -11.81
C LEU B 278 10.25 16.53 -13.33
N TYR B 279 9.10 17.10 -13.68
CA TYR B 279 8.75 17.30 -15.10
C TYR B 279 9.86 18.12 -15.77
N PHE B 280 10.20 19.26 -15.19
CA PHE B 280 11.20 20.16 -15.83
C PHE B 280 12.57 19.50 -15.91
N LEU B 281 12.94 18.73 -14.89
CA LEU B 281 14.26 18.06 -14.89
C LEU B 281 14.29 17.02 -16.01
N VAL B 282 13.27 16.20 -16.18
CA VAL B 282 13.32 15.16 -17.25
C VAL B 282 13.26 15.83 -18.62
N LYS B 283 12.64 17.01 -18.75
CA LYS B 283 12.56 17.73 -20.03
C LYS B 283 13.84 18.54 -20.30
N ASN B 284 14.74 18.69 -19.31
CA ASN B 284 15.96 19.53 -19.41
C ASN B 284 17.11 18.72 -18.85
N PRO B 285 17.59 17.70 -19.60
CA PRO B 285 18.58 16.77 -19.07
C PRO B 285 19.88 17.40 -18.56
N HIS B 286 20.32 18.52 -19.15
CA HIS B 286 21.55 19.20 -18.66
C HIS B 286 21.30 19.72 -17.24
N VAL B 287 20.08 20.19 -16.98
CA VAL B 287 19.73 20.71 -15.63
C VAL B 287 19.65 19.54 -14.65
N LEU B 288 19.02 18.44 -15.07
N LEU B 288 19.03 18.43 -15.06
CA LEU B 288 18.93 17.19 -14.29
CA LEU B 288 18.95 17.20 -14.23
C LEU B 288 20.35 16.75 -13.89
C LEU B 288 20.36 16.76 -13.86
N GLN B 289 21.28 16.72 -14.85
CA GLN B 289 22.68 16.30 -14.58
C GLN B 289 23.32 17.19 -13.50
N LYS B 290 23.17 18.51 -13.60
CA LYS B 290 23.78 19.46 -12.65
C LYS B 290 23.18 19.22 -11.25
N ALA B 291 21.87 19.04 -11.17
CA ALA B 291 21.20 18.82 -9.88
C ALA B 291 21.64 17.47 -9.29
N ALA B 292 21.74 16.45 -10.13
CA ALA B 292 22.16 15.10 -9.68
C ALA B 292 23.61 15.15 -9.19
N GLU B 293 24.49 15.92 -9.86
CA GLU B 293 25.90 16.05 -9.41
C GLU B 293 25.91 16.70 -8.03
N GLU B 294 25.06 17.70 -7.80
CA GLU B 294 25.02 18.34 -6.45
C GLU B 294 24.54 17.32 -5.42
N ALA B 295 23.49 16.58 -5.72
CA ALA B 295 22.94 15.58 -4.79
C ALA B 295 24.03 14.57 -4.41
N ALA B 296 24.79 14.08 -5.38
CA ALA B 296 25.83 13.07 -5.15
C ALA B 296 26.95 13.65 -4.28
N ARG B 297 27.32 14.90 -4.52
CA ARG B 297 28.43 15.59 -3.79
CA ARG B 297 28.44 15.58 -3.80
C ARG B 297 28.04 15.85 -2.34
N VAL B 298 26.78 16.23 -2.10
CA VAL B 298 26.35 16.73 -0.76
C VAL B 298 25.84 15.57 0.11
N LEU B 299 25.03 14.68 -0.45
CA LEU B 299 24.29 13.67 0.34
C LEU B 299 25.17 12.42 0.48
N VAL B 300 26.21 12.56 1.30
CA VAL B 300 27.30 11.54 1.44
C VAL B 300 26.93 10.48 2.47
N ASP B 301 25.81 10.61 3.18
CA ASP B 301 25.38 9.69 4.25
C ASP B 301 24.13 8.94 3.83
N PRO B 302 23.85 7.76 4.44
CA PRO B 302 22.66 6.98 4.10
C PRO B 302 21.34 7.77 4.18
N VAL B 303 21.23 8.62 5.20
CA VAL B 303 20.06 9.48 5.55
C VAL B 303 20.55 10.92 5.41
N PRO B 304 19.92 11.82 4.64
CA PRO B 304 20.29 13.24 4.71
C PRO B 304 20.08 13.85 6.10
N SER B 305 21.00 14.72 6.48
CA SER B 305 20.92 15.61 7.66
C SER B 305 20.27 16.93 7.27
N TYR B 306 19.79 17.67 8.27
CA TYR B 306 19.26 19.04 8.13
C TYR B 306 20.31 19.91 7.43
N LYS B 307 21.56 19.88 7.89
CA LYS B 307 22.64 20.75 7.35
C LYS B 307 22.89 20.40 5.89
N GLN B 308 22.81 19.13 5.52
CA GLN B 308 23.08 18.73 4.12
C GLN B 308 21.97 19.29 3.21
N VAL B 309 20.74 19.25 3.68
CA VAL B 309 19.61 19.75 2.85
C VAL B 309 19.85 21.24 2.60
N LYS B 310 20.37 21.97 3.58
CA LYS B 310 20.64 23.42 3.44
C LYS B 310 21.73 23.67 2.39
N GLN B 311 22.56 22.69 2.06
N GLN B 311 22.58 22.67 2.12
CA GLN B 311 23.69 22.86 1.10
CA GLN B 311 23.72 22.72 1.15
C GLN B 311 23.26 22.41 -0.30
C GLN B 311 23.24 22.47 -0.28
N LEU B 312 22.01 21.97 -0.48
CA LEU B 312 21.50 21.62 -1.84
C LEU B 312 21.02 22.91 -2.52
N LYS B 313 21.94 23.84 -2.79
CA LYS B 313 21.62 25.19 -3.30
C LYS B 313 21.02 25.09 -4.70
N TYR B 314 21.61 24.31 -5.58
CA TYR B 314 21.12 24.19 -6.97
C TYR B 314 19.74 23.52 -6.96
N VAL B 315 19.56 22.50 -6.13
CA VAL B 315 18.22 21.88 -6.00
C VAL B 315 17.22 22.96 -5.58
N GLY B 316 17.59 23.83 -4.64
CA GLY B 316 16.72 24.97 -4.24
C GLY B 316 16.38 25.86 -5.44
N MET B 317 17.34 26.11 -6.32
CA MET B 317 17.14 26.98 -7.50
C MET B 317 16.22 26.26 -8.50
N VAL B 318 16.35 24.94 -8.65
CA VAL B 318 15.44 24.13 -9.51
C VAL B 318 14.02 24.31 -8.98
N LEU B 319 13.84 24.23 -7.67
CA LEU B 319 12.47 24.34 -7.11
C LEU B 319 11.93 25.76 -7.37
N ASN B 320 12.73 26.80 -7.20
CA ASN B 320 12.28 28.19 -7.47
C ASN B 320 11.91 28.33 -8.96
N GLU B 321 12.66 27.75 -9.86
CA GLU B 321 12.39 27.89 -11.31
C GLU B 321 11.13 27.10 -11.67
N ALA B 322 10.84 25.96 -11.01
CA ALA B 322 9.56 25.27 -11.17
C ALA B 322 8.41 26.15 -10.65
N LEU B 323 8.58 26.78 -9.49
CA LEU B 323 7.55 27.71 -8.97
C LEU B 323 7.40 28.91 -9.89
N ARG B 324 8.45 29.29 -10.59
CA ARG B 324 8.32 30.42 -11.54
C ARG B 324 7.36 30.00 -12.66
N LEU B 325 7.69 28.94 -13.37
CA LEU B 325 6.87 28.58 -14.55
C LEU B 325 5.49 28.04 -14.16
N TRP B 326 5.37 27.24 -13.11
CA TRP B 326 4.06 26.69 -12.70
C TRP B 326 3.90 26.82 -11.20
N PRO B 327 3.59 28.04 -10.73
CA PRO B 327 3.30 28.26 -9.31
C PRO B 327 2.06 27.47 -8.94
N THR B 328 2.23 26.45 -8.09
N THR B 328 2.25 26.44 -8.10
CA THR B 328 1.16 25.46 -7.84
CA THR B 328 1.18 25.44 -7.82
C THR B 328 -0.02 26.12 -7.13
C THR B 328 0.01 26.11 -7.14
N ALA B 329 0.24 27.13 -6.28
CA ALA B 329 -0.81 28.01 -5.76
C ALA B 329 -0.88 29.14 -6.77
N PRO B 330 -1.90 29.19 -7.64
CA PRO B 330 -1.82 30.05 -8.82
C PRO B 330 -2.29 31.50 -8.71
N ALA B 331 -2.92 31.86 -7.60
CA ALA B 331 -3.50 33.21 -7.47
C ALA B 331 -3.67 33.57 -6.01
N PHE B 332 -3.71 34.87 -5.75
CA PHE B 332 -4.21 35.41 -4.49
C PHE B 332 -4.95 36.69 -4.79
N SER B 333 -5.76 37.11 -3.81
CA SER B 333 -6.72 38.21 -3.98
C SER B 333 -6.42 39.30 -2.96
N LEU B 334 -6.64 40.54 -3.37
CA LEU B 334 -6.40 41.73 -2.54
C LEU B 334 -7.60 42.68 -2.61
N TYR B 335 -7.76 43.53 -1.61
CA TYR B 335 -8.76 44.62 -1.70
C TYR B 335 -8.05 45.93 -1.35
N ALA B 336 -8.52 47.02 -1.95
CA ALA B 336 -7.99 48.37 -1.69
C ALA B 336 -8.48 48.83 -0.31
N LYS B 337 -7.54 49.19 0.56
CA LYS B 337 -7.82 49.69 1.93
C LYS B 337 -8.46 51.07 1.84
N GLU B 338 -8.07 51.85 0.84
CA GLU B 338 -8.61 53.20 0.59
C GLU B 338 -8.63 53.43 -0.93
N ASP B 339 -9.31 54.49 -1.35
CA ASP B 339 -9.23 54.97 -2.76
C ASP B 339 -7.76 55.13 -3.14
N THR B 340 -7.40 54.71 -4.35
CA THR B 340 -5.99 54.76 -4.79
C THR B 340 -5.98 54.57 -6.30
N VAL B 341 -4.86 54.94 -6.91
CA VAL B 341 -4.64 54.80 -8.36
C VAL B 341 -3.55 53.77 -8.56
N LEU B 342 -3.89 52.76 -9.35
CA LEU B 342 -2.95 51.69 -9.72
C LEU B 342 -2.21 52.12 -11.00
N GLY B 343 -0.87 52.22 -10.91
CA GLY B 343 0.03 52.37 -12.06
C GLY B 343 -0.15 53.70 -12.77
N GLY B 344 -0.66 54.71 -12.07
CA GLY B 344 -0.94 56.06 -12.61
C GLY B 344 -2.11 56.08 -13.58
N GLU B 345 -2.84 54.97 -13.75
CA GLU B 345 -3.77 54.79 -14.91
C GLU B 345 -5.14 54.26 -14.47
N TYR B 346 -5.24 53.46 -13.40
CA TYR B 346 -6.48 52.71 -13.06
C TYR B 346 -6.95 53.10 -11.67
N PRO B 347 -7.90 54.04 -11.57
CA PRO B 347 -8.43 54.46 -10.27
C PRO B 347 -9.23 53.32 -9.63
N LEU B 348 -8.99 53.09 -8.34
CA LEU B 348 -9.77 52.11 -7.55
C LEU B 348 -10.40 52.82 -6.36
N GLU B 349 -11.58 52.35 -5.97
CA GLU B 349 -12.29 52.78 -4.75
C GLU B 349 -11.97 51.81 -3.62
N LYS B 350 -12.02 52.34 -2.41
CA LYS B 350 -11.97 51.51 -1.19
C LYS B 350 -12.84 50.28 -1.40
N GLY B 351 -12.28 49.10 -1.11
CA GLY B 351 -13.05 47.84 -1.17
C GLY B 351 -12.91 47.14 -2.50
N ASP B 352 -12.42 47.83 -3.54
CA ASP B 352 -12.26 47.21 -4.88
C ASP B 352 -11.28 46.03 -4.78
N GLU B 353 -11.61 44.95 -5.50
CA GLU B 353 -10.81 43.70 -5.44
C GLU B 353 -9.85 43.59 -6.64
N LEU B 354 -8.76 42.88 -6.42
CA LEU B 354 -7.75 42.51 -7.42
C LEU B 354 -7.49 41.02 -7.26
N MET B 355 -7.18 40.35 -8.37
N MET B 355 -7.16 40.36 -8.36
CA MET B 355 -6.61 38.99 -8.37
CA MET B 355 -6.64 38.97 -8.37
C MET B 355 -5.22 39.09 -8.97
C MET B 355 -5.25 39.02 -9.01
N VAL B 356 -4.25 38.47 -8.33
CA VAL B 356 -2.87 38.36 -8.85
C VAL B 356 -2.77 36.99 -9.56
N LEU B 357 -2.56 37.02 -10.87
CA LEU B 357 -2.42 35.79 -11.69
C LEU B 357 -0.94 35.41 -11.72
N ILE B 358 -0.53 34.56 -10.78
CA ILE B 358 0.92 34.37 -10.50
C ILE B 358 1.61 33.77 -11.72
N PRO B 359 1.04 32.78 -12.46
CA PRO B 359 1.78 32.22 -13.59
C PRO B 359 2.10 33.27 -14.66
N GLN B 360 1.21 34.25 -14.82
N GLN B 360 1.23 34.26 -14.79
CA GLN B 360 1.40 35.34 -15.82
CA GLN B 360 1.38 35.30 -15.83
C GLN B 360 2.47 36.30 -15.31
C GLN B 360 2.41 36.34 -15.33
N LEU B 361 2.37 36.70 -14.04
CA LEU B 361 3.42 37.55 -13.42
C LEU B 361 4.81 36.96 -13.72
N HIS B 362 4.93 35.65 -13.53
CA HIS B 362 6.20 34.92 -13.69
C HIS B 362 6.61 34.76 -15.15
N ARG B 363 5.77 35.21 -16.10
CA ARG B 363 6.11 35.22 -17.54
C ARG B 363 6.32 36.65 -18.06
N ASP B 364 6.47 37.62 -17.17
CA ASP B 364 6.67 39.02 -17.60
C ASP B 364 8.06 39.17 -18.25
N LYS B 365 8.10 39.35 -19.57
CA LYS B 365 9.38 39.40 -20.31
C LYS B 365 10.19 40.64 -19.95
N THR B 366 9.56 41.69 -19.43
CA THR B 366 10.30 42.92 -19.03
C THR B 366 11.16 42.58 -17.82
N ILE B 367 10.81 41.52 -17.10
CA ILE B 367 11.57 41.06 -15.90
C ILE B 367 12.54 39.95 -16.30
N TRP B 368 12.06 38.92 -16.97
CA TRP B 368 12.84 37.67 -17.12
C TRP B 368 13.61 37.60 -18.44
N GLY B 369 13.26 38.44 -19.41
CA GLY B 369 13.93 38.45 -20.73
C GLY B 369 13.23 37.54 -21.74
N ASP B 370 13.80 37.44 -22.93
CA ASP B 370 13.12 36.74 -24.06
C ASP B 370 13.13 35.24 -23.82
N ASP B 371 13.99 34.73 -22.94
CA ASP B 371 14.11 33.26 -22.64
C ASP B 371 13.14 32.87 -21.52
N VAL B 372 12.04 33.62 -21.36
CA VAL B 372 11.10 33.49 -20.21
C VAL B 372 10.48 32.08 -20.15
N GLU B 373 10.31 31.38 -21.28
CA GLU B 373 9.62 30.06 -21.27
C GLU B 373 10.65 28.94 -21.00
N GLU B 374 11.94 29.27 -20.95
CA GLU B 374 13.01 28.26 -20.75
C GLU B 374 13.16 27.97 -19.27
N PHE B 375 13.50 26.73 -18.95
CA PHE B 375 13.74 26.28 -17.56
C PHE B 375 15.23 26.51 -17.23
N ARG B 376 15.55 27.60 -16.54
CA ARG B 376 16.94 28.01 -16.25
C ARG B 376 17.07 28.36 -14.78
N PRO B 377 17.35 27.37 -13.90
CA PRO B 377 17.46 27.66 -12.47
C PRO B 377 18.47 28.76 -12.10
N GLU B 378 19.48 28.97 -12.95
CA GLU B 378 20.56 29.94 -12.68
C GLU B 378 19.98 31.36 -12.57
N ARG B 379 18.75 31.60 -13.06
CA ARG B 379 18.02 32.89 -12.87
C ARG B 379 17.95 33.26 -11.39
N PHE B 380 18.00 32.26 -10.49
CA PHE B 380 17.83 32.43 -9.03
C PHE B 380 19.16 32.45 -8.26
N GLU B 381 20.29 32.60 -8.94
CA GLU B 381 21.63 32.64 -8.28
C GLU B 381 21.67 33.80 -7.29
N ASN B 382 21.05 34.93 -7.61
CA ASN B 382 21.23 36.16 -6.82
C ASN B 382 19.87 36.83 -6.61
N PRO B 383 19.26 36.67 -5.43
CA PRO B 383 17.98 37.32 -5.17
C PRO B 383 17.97 38.85 -5.36
N SER B 384 19.13 39.49 -5.18
CA SER B 384 19.25 40.97 -5.31
C SER B 384 19.16 41.39 -6.78
N ALA B 385 19.35 40.46 -7.72
CA ALA B 385 19.25 40.75 -9.17
C ALA B 385 17.80 40.58 -9.68
N ILE B 386 16.87 40.16 -8.82
CA ILE B 386 15.44 39.96 -9.20
C ILE B 386 14.67 41.18 -8.73
N PRO B 387 13.98 41.89 -9.65
CA PRO B 387 13.18 43.04 -9.24
C PRO B 387 12.16 42.75 -8.16
N GLN B 388 11.83 43.77 -7.38
CA GLN B 388 10.84 43.63 -6.28
C GLN B 388 9.54 43.07 -6.83
N HIS B 389 8.99 42.10 -6.13
CA HIS B 389 7.64 41.55 -6.36
C HIS B 389 7.53 40.90 -7.73
N ALA B 390 8.65 40.48 -8.31
CA ALA B 390 8.64 39.74 -9.59
C ALA B 390 8.22 38.29 -9.39
N PHE B 391 8.39 37.76 -8.17
CA PHE B 391 8.35 36.31 -7.90
C PHE B 391 7.55 36.13 -6.62
N LYS B 392 6.31 35.64 -6.78
CA LYS B 392 5.34 35.64 -5.67
C LYS B 392 4.67 34.28 -5.45
N PRO B 393 5.40 33.14 -5.54
CA PRO B 393 4.71 31.84 -5.41
C PRO B 393 4.15 31.54 -4.00
N PHE B 394 4.61 32.29 -3.01
CA PHE B 394 4.17 32.13 -1.59
C PHE B 394 3.36 33.34 -1.16
N GLY B 395 2.81 34.11 -2.11
CA GLY B 395 1.98 35.25 -1.70
C GLY B 395 2.81 36.43 -1.25
N ASN B 396 2.20 37.30 -0.44
CA ASN B 396 2.77 38.62 -0.16
C ASN B 396 2.67 39.02 1.31
N GLY B 397 3.76 39.60 1.81
CA GLY B 397 3.71 40.37 3.07
C GLY B 397 3.36 39.51 4.27
N GLN B 398 2.66 40.09 5.23
CA GLN B 398 2.30 39.36 6.47
C GLN B 398 1.34 38.22 6.15
N ARG B 399 0.66 38.23 5.00
CA ARG B 399 -0.28 37.14 4.58
C ARG B 399 0.42 36.16 3.62
N ALA B 400 1.74 36.19 3.54
CA ALA B 400 2.51 35.19 2.78
C ALA B 400 2.39 33.84 3.49
N CYS B 401 2.73 32.80 2.77
CA CYS B 401 2.66 31.41 3.22
C CYS B 401 3.49 31.22 4.48
N ILE B 402 2.83 30.80 5.56
CA ILE B 402 3.58 30.46 6.80
C ILE B 402 4.35 29.15 6.61
N GLY B 403 3.93 28.31 5.66
CA GLY B 403 4.54 27.01 5.40
C GLY B 403 5.71 27.07 4.45
N GLN B 404 6.18 28.24 4.02
CA GLN B 404 7.20 28.29 2.94
C GLN B 404 8.47 27.53 3.31
N GLN B 405 8.99 27.71 4.52
CA GLN B 405 10.25 27.04 4.95
C GLN B 405 10.02 25.52 4.99
N PHE B 406 8.88 25.11 5.52
CA PHE B 406 8.48 23.71 5.65
C PHE B 406 8.45 23.08 4.25
N ALA B 407 7.71 23.69 3.33
CA ALA B 407 7.53 23.17 1.96
C ALA B 407 8.89 23.07 1.27
N LEU B 408 9.70 24.12 1.33
CA LEU B 408 10.99 24.09 0.58
C LEU B 408 11.95 23.09 1.26
N HIS B 409 11.90 22.91 2.57
CA HIS B 409 12.79 21.93 3.22
C HIS B 409 12.40 20.52 2.76
N GLU B 410 11.11 20.21 2.82
CA GLU B 410 10.61 18.88 2.39
C GLU B 410 10.96 18.67 0.92
N ALA B 411 10.65 19.63 0.07
CA ALA B 411 10.84 19.45 -1.38
C ALA B 411 12.33 19.29 -1.68
N THR B 412 13.20 20.06 -1.03
CA THR B 412 14.66 20.02 -1.28
C THR B 412 15.20 18.65 -0.84
N LEU B 413 14.77 18.18 0.32
CA LEU B 413 15.19 16.86 0.86
C LEU B 413 14.78 15.76 -0.12
N VAL B 414 13.51 15.75 -0.51
CA VAL B 414 12.93 14.65 -1.33
C VAL B 414 13.59 14.70 -2.70
N LEU B 415 13.65 15.87 -3.33
CA LEU B 415 14.23 15.93 -4.70
C LEU B 415 15.71 15.55 -4.63
N GLY B 416 16.43 15.99 -3.60
CA GLY B 416 17.83 15.58 -3.47
C GLY B 416 17.97 14.06 -3.36
N MET B 417 17.16 13.40 -2.53
CA MET B 417 17.21 11.92 -2.39
C MET B 417 16.81 11.27 -3.72
N MET B 418 15.80 11.79 -4.41
CA MET B 418 15.41 11.22 -5.73
C MET B 418 16.61 11.27 -6.69
N LEU B 419 17.29 12.41 -6.78
CA LEU B 419 18.42 12.61 -7.73
C LEU B 419 19.64 11.81 -7.29
N LYS B 420 19.79 11.56 -6.00
CA LYS B 420 20.90 10.71 -5.50
C LYS B 420 20.66 9.26 -5.92
N HIS B 421 19.42 8.77 -5.79
CA HIS B 421 19.14 7.32 -5.81
C HIS B 421 18.76 6.79 -7.20
N PHE B 422 18.27 7.62 -8.11
CA PHE B 422 17.72 7.16 -9.41
C PHE B 422 18.19 8.05 -10.55
N ASP B 423 18.32 7.41 -11.72
CA ASP B 423 18.25 8.09 -13.04
C ASP B 423 16.78 8.04 -13.47
N PHE B 424 16.34 9.02 -14.26
CA PHE B 424 14.93 9.10 -14.69
C PHE B 424 14.84 9.09 -16.22
N GLU B 425 13.80 8.44 -16.71
CA GLU B 425 13.47 8.40 -18.14
C GLU B 425 12.04 8.90 -18.34
N ASP B 426 11.89 9.85 -19.26
CA ASP B 426 10.58 10.32 -19.78
C ASP B 426 10.15 9.34 -20.88
N HIS B 427 9.79 8.12 -20.50
CA HIS B 427 9.64 6.99 -21.45
C HIS B 427 8.44 7.19 -22.39
N THR B 428 7.47 8.06 -22.03
CA THR B 428 6.28 8.32 -22.86
C THR B 428 6.39 9.62 -23.65
N ASN B 429 7.50 10.37 -23.53
CA ASN B 429 7.58 11.74 -24.09
C ASN B 429 6.32 12.51 -23.67
N TYR B 430 6.14 12.62 -22.36
CA TYR B 430 4.90 13.09 -21.72
C TYR B 430 4.58 14.51 -22.18
N GLU B 431 3.33 14.73 -22.57
CA GLU B 431 2.80 16.06 -22.94
C GLU B 431 2.16 16.68 -21.70
N LEU B 432 2.71 17.80 -21.24
CA LEU B 432 2.21 18.44 -20.01
C LEU B 432 0.69 18.70 -20.12
N ASP B 433 -0.02 18.23 -19.11
CA ASP B 433 -1.49 18.35 -18.95
C ASP B 433 -1.69 18.75 -17.51
N ILE B 434 -2.20 19.95 -17.27
CA ILE B 434 -2.27 20.52 -15.91
C ILE B 434 -3.70 20.44 -15.39
N LYS B 435 -3.89 19.64 -14.34
N LYS B 435 -3.89 19.64 -14.35
CA LYS B 435 -5.18 19.49 -13.63
CA LYS B 435 -5.19 19.50 -13.64
C LYS B 435 -5.28 20.58 -12.56
C LYS B 435 -5.28 20.59 -12.57
N GLU B 436 -6.46 21.17 -12.41
CA GLU B 436 -6.71 22.25 -11.44
C GLU B 436 -7.68 21.74 -10.38
N THR B 437 -7.24 21.81 -9.13
CA THR B 437 -8.07 21.58 -7.93
C THR B 437 -8.06 22.91 -7.19
N LEU B 438 -7.71 22.94 -5.91
CA LEU B 438 -7.29 24.21 -5.29
C LEU B 438 -6.02 24.72 -6.00
N THR B 439 -5.20 23.80 -6.50
CA THR B 439 -3.85 24.07 -7.01
C THR B 439 -3.66 23.45 -8.38
N LEU B 440 -2.50 23.70 -8.95
CA LEU B 440 -2.08 23.12 -10.24
C LEU B 440 -1.19 21.91 -10.00
N LYS B 441 -1.41 20.85 -10.76
CA LYS B 441 -0.54 19.66 -10.77
C LYS B 441 -0.52 19.05 -12.17
N PRO B 442 0.62 18.48 -12.59
CA PRO B 442 0.65 17.68 -13.81
C PRO B 442 -0.33 16.53 -13.56
N GLU B 443 -1.09 16.18 -14.59
CA GLU B 443 -1.97 15.00 -14.62
C GLU B 443 -1.39 13.99 -15.61
N GLY B 444 -1.33 12.73 -15.21
CA GLY B 444 -0.88 11.64 -16.10
C GLY B 444 0.63 11.63 -16.28
N PHE B 445 1.38 12.43 -15.54
CA PHE B 445 2.85 12.44 -15.65
C PHE B 445 3.42 11.15 -15.05
N VAL B 446 4.11 10.40 -15.90
CA VAL B 446 4.74 9.10 -15.57
C VAL B 446 6.20 9.13 -16.02
N VAL B 447 7.06 8.45 -15.27
CA VAL B 447 8.50 8.28 -15.61
C VAL B 447 8.87 6.86 -15.24
N LYS B 448 10.00 6.42 -15.75
CA LYS B 448 10.72 5.21 -15.27
C LYS B 448 11.95 5.67 -14.50
N ALA B 449 12.27 5.01 -13.39
N ALA B 449 12.16 5.03 -13.36
CA ALA B 449 13.42 5.39 -12.53
CA ALA B 449 13.39 5.19 -12.55
C ALA B 449 14.34 4.18 -12.38
C ALA B 449 14.31 4.02 -12.88
N LYS B 450 15.59 4.30 -12.87
CA LYS B 450 16.60 3.22 -12.84
C LYS B 450 17.45 3.47 -11.60
N SER B 451 17.43 2.54 -10.68
CA SER B 451 18.17 2.65 -9.41
C SER B 451 19.66 2.79 -9.69
N LYS B 452 20.31 3.71 -8.99
N LYS B 452 20.30 3.72 -8.99
CA LYS B 452 21.79 3.79 -8.95
CA LYS B 452 21.79 3.80 -8.94
C LYS B 452 22.33 2.78 -7.92
C LYS B 452 22.33 2.75 -7.96
N LYS B 453 21.43 2.02 -7.28
CA LYS B 453 21.74 0.91 -6.33
C LYS B 453 22.63 1.44 -5.20
N ILE B 454 22.25 2.59 -4.64
CA ILE B 454 22.95 3.17 -3.47
C ILE B 454 22.09 2.84 -2.27
N PRO B 455 22.64 2.09 -1.29
CA PRO B 455 21.88 1.70 -0.11
C PRO B 455 21.45 2.88 0.77
N LEU B 456 20.33 2.70 1.49
CA LEU B 456 19.85 3.61 2.55
C LEU B 456 20.38 3.12 3.90
#